data_9JII
#
_entry.id   9JII
#
_cell.length_a   1.00
_cell.length_b   1.00
_cell.length_c   1.00
_cell.angle_alpha   90.00
_cell.angle_beta   90.00
_cell.angle_gamma   90.00
#
_symmetry.space_group_name_H-M   'P 1'
#
loop_
_entity.id
_entity.type
_entity.pdbx_description
1 polymer 'Pro-secreted protein ORF2'
2 polymer 'C158 Fab light chain'
3 polymer 'C158 Fab heavy chain'
#
loop_
_entity_poly.entity_id
_entity_poly.type
_entity_poly.pdbx_seq_one_letter_code
_entity_poly.pdbx_strand_id
1 'polypeptide(L)'
;QLFYGRPQVSENGEPSVKLYTSVEAAQLDHGVTIPHDIDLGVSAITLQDFDNQHLQDRPTPSPAPARPITNWRSGDVVWV
TLPSAEYAQSQSAMGSHPAYWSEEATIINVATGQRAAVSSIKWDQVTLNGKALHKETHSGLVYYQLPLMGKINFWQQGTT
KAGYTYNYNTTDSDSLWVWWDGGSKAYLYISTYTTMLGAGPVNITGLGAVGPNPV
;
A,B
2 'polypeptide(L)'
;QSVLTQPPSVSAAPGQKVTISCSGHSSNIANNYVAWYQQLPGTAPKLLIYDNDKRPSGIPDRFSASKSGTSATLGITGLQ
TGDEAHYYCETWDSSLSLWVFGGGTMVTVL
;
L,E
3 'polypeptide(L)'
;QVQIVQSGAEVKKPGASVKVSCTASGYTFTRYGLVWVRQAPGQGLEWMGSINTGNANTIYSEKFQGRVSITRDTSASTTY
MELRSLRYEDTAVYFCARERGGSVVEPAAHYMDVWGNGTTVSVTS
;
H,F
#
# COMPACT_ATOMS: atom_id res chain seq x y z
N ALA A 64 -8.94 36.60 22.45
CA ALA A 64 -9.67 35.61 21.67
C ALA A 64 -8.97 34.26 21.70
N PRO A 65 -9.69 33.23 22.14
CA PRO A 65 -9.10 31.89 22.20
C PRO A 65 -8.78 31.36 20.82
N ALA A 66 -8.10 30.21 20.79
CA ALA A 66 -7.71 29.59 19.54
C ALA A 66 -8.93 29.03 18.82
N ARG A 67 -8.71 28.58 17.60
CA ARG A 67 -9.78 27.99 16.83
C ARG A 67 -10.24 26.71 17.51
N PRO A 68 -11.53 26.58 17.86
CA PRO A 68 -11.97 25.40 18.59
C PRO A 68 -11.84 24.13 17.77
N ILE A 69 -11.69 23.01 18.46
CA ILE A 69 -11.41 21.74 17.81
C ILE A 69 -12.55 21.34 16.89
N THR A 70 -13.76 21.83 17.15
CA THR A 70 -14.90 21.60 16.27
C THR A 70 -14.75 22.29 14.92
N ASN A 71 -13.83 23.24 14.80
CA ASN A 71 -13.63 24.02 13.59
C ASN A 71 -12.46 23.46 12.80
N TRP A 72 -12.71 23.08 11.56
CA TRP A 72 -11.70 22.45 10.74
C TRP A 72 -11.61 23.13 9.38
N ARG A 73 -10.39 23.19 8.85
CA ARG A 73 -10.11 23.78 7.55
C ARG A 73 -9.33 22.78 6.71
N SER A 74 -9.51 22.85 5.40
CA SER A 74 -8.79 21.95 4.51
C SER A 74 -7.30 22.26 4.57
N GLY A 75 -6.48 21.20 4.63
CA GLY A 75 -5.06 21.37 4.83
C GLY A 75 -4.62 21.41 6.27
N ASP A 76 -5.55 21.37 7.22
CA ASP A 76 -5.19 21.22 8.62
C ASP A 76 -4.64 19.81 8.84
N VAL A 77 -3.79 19.68 9.85
CA VAL A 77 -3.18 18.39 10.17
C VAL A 77 -3.93 17.81 11.38
N VAL A 78 -4.45 16.60 11.21
CA VAL A 78 -5.21 15.93 12.25
C VAL A 78 -4.38 14.79 12.83
N TRP A 79 -4.23 14.78 14.15
CA TRP A 79 -3.52 13.74 14.88
C TRP A 79 -4.53 12.98 15.72
N VAL A 80 -4.58 11.68 15.55
CA VAL A 80 -5.52 10.83 16.26
C VAL A 80 -4.76 9.76 17.03
N THR A 81 -5.16 9.54 18.28
CA THR A 81 -4.67 8.44 19.08
C THR A 81 -5.84 7.49 19.36
N LEU A 82 -5.62 6.20 19.11
CA LEU A 82 -6.65 5.18 19.22
C LEU A 82 -6.22 4.18 20.28
N PRO A 83 -6.51 4.44 21.55
CA PRO A 83 -6.08 3.52 22.61
C PRO A 83 -6.88 2.23 22.57
N SER A 84 -6.17 1.11 22.72
CA SER A 84 -6.79 -0.21 22.81
C SER A 84 -7.72 -0.47 21.63
N ALA A 85 -7.31 0.00 20.46
CA ALA A 85 -8.13 -0.15 19.27
C ALA A 85 -8.26 -1.63 18.91
N GLU A 86 -9.43 -1.99 18.37
CA GLU A 86 -9.71 -3.35 18.00
C GLU A 86 -10.12 -3.43 16.54
N TYR A 87 -9.85 -4.58 15.94
CA TYR A 87 -10.07 -4.77 14.51
C TYR A 87 -11.54 -5.07 14.24
N ALA A 88 -12.05 -4.48 13.16
CA ALA A 88 -13.39 -4.78 12.66
C ALA A 88 -13.26 -5.43 11.28
N GLN A 89 -13.93 -6.55 11.08
CA GLN A 89 -13.84 -7.25 9.81
C GLN A 89 -14.50 -6.45 8.69
N SER A 90 -15.68 -5.88 8.96
CA SER A 90 -16.40 -5.08 7.99
C SER A 90 -16.91 -3.82 8.65
N GLN A 91 -16.69 -2.68 8.00
CA GLN A 91 -17.20 -1.40 8.46
C GLN A 91 -18.06 -0.82 7.36
N SER A 92 -19.30 -0.46 7.70
N SER A 92 -19.30 -0.46 7.70
CA SER A 92 -20.25 0.01 6.68
CA SER A 92 -20.24 0.01 6.69
C SER A 92 -19.83 1.36 6.09
C SER A 92 -19.83 1.35 6.10
N ALA A 93 -19.35 2.28 6.92
CA ALA A 93 -18.94 3.57 6.41
C ALA A 93 -17.69 3.49 5.54
N MET A 94 -16.98 2.36 5.56
CA MET A 94 -15.87 2.11 4.66
C MET A 94 -16.24 1.18 3.52
N GLY A 95 -17.52 1.05 3.21
CA GLY A 95 -17.94 0.13 2.17
C GLY A 95 -17.71 -1.32 2.49
N SER A 96 -18.02 -1.74 3.71
CA SER A 96 -17.88 -3.13 4.15
C SER A 96 -16.42 -3.60 4.03
N HIS A 97 -15.54 -2.82 4.64
CA HIS A 97 -14.11 -3.05 4.58
C HIS A 97 -13.53 -2.95 5.98
N PRO A 98 -12.38 -3.59 6.22
CA PRO A 98 -11.85 -3.68 7.59
C PRO A 98 -11.47 -2.32 8.16
N ALA A 99 -11.51 -2.23 9.48
CA ALA A 99 -11.18 -0.99 10.16
C ALA A 99 -10.56 -1.28 11.52
N TYR A 100 -9.84 -0.29 12.03
CA TYR A 100 -9.37 -0.27 13.40
C TYR A 100 -10.09 0.86 14.12
N TRP A 101 -10.77 0.54 15.21
CA TRP A 101 -11.62 1.52 15.87
C TRP A 101 -11.38 1.48 17.37
N SER A 102 -11.62 2.60 18.02
CA SER A 102 -11.30 2.74 19.42
C SER A 102 -12.53 3.17 20.20
N GLU A 103 -12.63 2.65 21.42
CA GLU A 103 -13.66 3.08 22.37
C GLU A 103 -13.47 4.53 22.74
N GLU A 104 -12.23 4.95 23.00
CA GLU A 104 -11.92 6.22 23.65
C GLU A 104 -10.78 6.94 22.94
N ALA A 105 -10.91 7.11 21.62
CA ALA A 105 -9.88 7.80 20.84
C ALA A 105 -9.84 9.28 21.17
N THR A 106 -8.75 9.93 20.76
CA THR A 106 -8.55 11.36 20.94
C THR A 106 -8.11 11.98 19.63
N ILE A 107 -8.61 13.19 19.35
CA ILE A 107 -8.31 13.92 18.12
C ILE A 107 -7.51 15.16 18.46
N ILE A 108 -6.50 15.44 17.65
CA ILE A 108 -5.61 16.58 17.86
C ILE A 108 -5.52 17.36 16.55
N ASN A 109 -5.69 18.68 16.63
CA ASN A 109 -5.38 19.58 15.53
C ASN A 109 -3.95 20.07 15.75
N VAL A 110 -3.03 19.56 14.92
CA VAL A 110 -1.61 19.77 15.15
C VAL A 110 -1.22 21.23 14.98
N ALA A 111 -1.84 21.93 14.03
CA ALA A 111 -1.46 23.31 13.75
C ALA A 111 -1.80 24.23 14.93
N THR A 112 -2.97 24.07 15.51
CA THR A 112 -3.41 24.97 16.57
C THR A 112 -3.20 24.42 17.97
N GLY A 113 -2.85 23.14 18.10
CA GLY A 113 -2.59 22.58 19.41
C GLY A 113 -3.80 22.40 20.28
N GLN A 114 -5.00 22.38 19.70
CA GLN A 114 -6.22 22.09 20.43
C GLN A 114 -6.60 20.63 20.22
N ARG A 115 -7.19 20.04 21.25
CA ARG A 115 -7.48 18.61 21.21
C ARG A 115 -8.58 18.29 22.21
N ALA A 116 -9.25 17.17 21.97
CA ALA A 116 -10.27 16.68 22.87
C ALA A 116 -10.48 15.20 22.59
N ALA A 117 -11.09 14.52 23.55
CA ALA A 117 -11.52 13.15 23.34
C ALA A 117 -12.67 13.10 22.36
N VAL A 118 -12.64 12.09 21.48
CA VAL A 118 -13.66 11.99 20.44
C VAL A 118 -15.04 11.82 21.07
N SER A 119 -15.11 11.08 22.18
CA SER A 119 -16.37 10.83 22.87
C SER A 119 -16.98 12.09 23.49
N SER A 120 -16.20 13.16 23.62
N SER A 120 -16.20 13.16 23.62
CA SER A 120 -16.69 14.41 24.19
CA SER A 120 -16.69 14.41 24.19
C SER A 120 -17.03 15.44 23.12
C SER A 120 -17.03 15.44 23.12
N ILE A 121 -17.07 15.04 21.86
CA ILE A 121 -17.29 15.95 20.74
C ILE A 121 -18.70 15.74 20.21
N LYS A 122 -19.45 16.83 20.08
CA LYS A 122 -20.79 16.82 19.50
C LYS A 122 -20.63 16.84 17.99
N TRP A 123 -20.64 15.65 17.38
CA TRP A 123 -20.26 15.55 15.98
C TRP A 123 -21.28 16.17 15.04
N ASP A 124 -22.50 16.43 15.51
CA ASP A 124 -23.49 17.09 14.67
C ASP A 124 -23.17 18.56 14.45
N GLN A 125 -22.30 19.16 15.25
CA GLN A 125 -21.92 20.56 15.11
C GLN A 125 -20.43 20.72 14.88
N VAL A 126 -19.85 19.84 14.07
CA VAL A 126 -18.45 19.91 13.67
C VAL A 126 -18.40 20.37 12.22
N THR A 127 -17.59 21.40 11.96
CA THR A 127 -17.57 22.08 10.67
C THR A 127 -16.24 21.87 9.96
N LEU A 128 -16.31 21.72 8.64
CA LEU A 128 -15.14 21.74 7.78
C LEU A 128 -15.31 22.87 6.78
N ASN A 129 -14.38 23.83 6.81
CA ASN A 129 -14.44 25.02 5.96
C ASN A 129 -15.72 25.83 6.21
N GLY A 130 -16.24 25.76 7.43
CA GLY A 130 -17.46 26.46 7.77
C GLY A 130 -18.73 25.71 7.45
N LYS A 131 -18.65 24.53 6.85
CA LYS A 131 -19.81 23.75 6.48
C LYS A 131 -19.90 22.51 7.34
N ALA A 132 -21.13 22.09 7.62
CA ALA A 132 -21.36 20.91 8.44
C ALA A 132 -20.78 19.67 7.79
N LEU A 133 -20.37 18.73 8.62
CA LEU A 133 -19.68 17.54 8.16
C LEU A 133 -20.64 16.59 7.47
N HIS A 134 -20.13 15.88 6.46
CA HIS A 134 -20.95 14.93 5.75
C HIS A 134 -21.39 13.80 6.66
N LYS A 135 -22.67 13.46 6.59
CA LYS A 135 -23.26 12.42 7.42
C LYS A 135 -23.76 11.29 6.52
N GLU A 136 -23.41 10.07 6.87
CA GLU A 136 -23.74 8.90 6.05
C GLU A 136 -24.37 7.86 6.95
N THR A 137 -25.60 7.46 6.64
CA THR A 137 -26.36 6.55 7.49
C THR A 137 -26.40 5.17 6.84
N HIS A 138 -25.67 4.22 7.44
CA HIS A 138 -25.70 2.81 7.08
C HIS A 138 -26.04 1.99 8.32
N SER A 139 -26.83 0.94 8.13
CA SER A 139 -27.32 0.11 9.23
C SER A 139 -28.07 0.93 10.27
N GLY A 140 -28.69 2.03 9.84
CA GLY A 140 -29.45 2.84 10.75
C GLY A 140 -28.63 3.55 11.79
N LEU A 141 -27.33 3.71 11.55
CA LEU A 141 -26.42 4.39 12.46
C LEU A 141 -25.81 5.59 11.76
N VAL A 142 -25.75 6.71 12.47
CA VAL A 142 -25.22 7.95 11.90
C VAL A 142 -23.70 7.90 11.95
N TYR A 143 -23.06 8.03 10.79
CA TYR A 143 -21.62 8.09 10.68
C TYR A 143 -21.23 9.45 10.11
N TYR A 144 -20.07 9.94 10.54
CA TYR A 144 -19.56 11.23 10.11
C TYR A 144 -18.25 11.04 9.36
N GLN A 145 -17.97 11.93 8.42
CA GLN A 145 -16.82 11.82 7.52
C GLN A 145 -15.93 13.06 7.62
N LEU A 146 -14.74 12.92 8.20
CA LEU A 146 -13.74 13.96 8.13
C LEU A 146 -12.79 13.65 6.99
N PRO A 147 -12.94 14.28 5.82
CA PRO A 147 -12.07 13.94 4.69
C PRO A 147 -10.64 14.44 4.91
N LEU A 148 -9.70 13.79 4.25
CA LEU A 148 -8.30 14.17 4.38
C LEU A 148 -7.53 13.79 3.13
N MET A 149 -6.68 14.69 2.65
CA MET A 149 -5.91 14.46 1.43
C MET A 149 -4.90 13.35 1.61
N GLY A 150 -4.85 12.45 0.65
CA GLY A 150 -3.96 11.32 0.73
C GLY A 150 -4.50 10.24 1.63
N LYS A 151 -3.75 9.15 1.72
CA LYS A 151 -4.09 8.06 2.61
C LYS A 151 -3.83 8.45 4.06
N ILE A 152 -4.51 7.78 4.98
CA ILE A 152 -4.26 7.99 6.40
C ILE A 152 -3.15 7.05 6.86
N ASN A 153 -2.15 7.61 7.52
CA ASN A 153 -0.99 6.86 7.99
C ASN A 153 -1.16 6.59 9.48
N PHE A 154 -1.08 5.32 9.86
CA PHE A 154 -1.24 4.90 11.24
C PHE A 154 -0.19 3.84 11.58
N TRP A 155 0.20 3.83 12.85
CA TRP A 155 1.26 2.95 13.32
C TRP A 155 0.98 2.58 14.76
N GLN A 156 1.63 1.51 15.21
CA GLN A 156 1.58 1.14 16.62
C GLN A 156 2.20 2.24 17.47
N GLN A 157 1.53 2.60 18.55
CA GLN A 157 1.91 3.78 19.31
C GLN A 157 3.30 3.63 19.93
N GLY A 158 4.15 4.63 19.72
CA GLY A 158 5.48 4.63 20.27
C GLY A 158 6.45 3.69 19.61
N THR A 159 6.07 3.05 18.51
CA THR A 159 6.93 2.10 17.83
C THR A 159 6.90 2.34 16.33
N THR A 160 7.88 1.76 15.65
CA THR A 160 8.09 1.99 14.23
C THR A 160 7.15 1.16 13.36
N LYS A 161 6.64 0.04 13.89
CA LYS A 161 5.73 -0.80 13.13
C LYS A 161 4.50 -0.01 12.70
N ALA A 162 4.09 -0.21 11.43
CA ALA A 162 3.11 0.61 10.71
C ALA A 162 2.06 -0.19 10.08
N GLY A 163 0.89 0.41 9.97
CA GLY A 163 -0.20 -0.23 9.28
C GLY A 163 -0.45 0.43 7.93
N TYR A 164 -1.18 -0.29 7.08
CA TYR A 164 -1.57 0.21 5.77
C TYR A 164 -3.08 0.09 5.61
N THR A 165 -3.66 1.05 4.91
CA THR A 165 -5.10 1.08 4.71
C THR A 165 -5.52 0.07 3.64
N TYR A 166 -6.82 -0.08 3.48
CA TYR A 166 -7.33 -1.10 2.56
C TYR A 166 -6.98 -0.78 1.12
N ASN A 167 -7.15 0.47 0.70
CA ASN A 167 -6.79 0.89 -0.65
C ASN A 167 -5.34 1.38 -0.68
N TYR A 168 -4.45 0.53 -0.17
CA TYR A 168 -3.04 0.88 -0.09
C TYR A 168 -2.40 0.97 -1.47
N ASN A 169 -3.00 0.34 -2.47
CA ASN A 169 -2.39 0.14 -3.77
C ASN A 169 -2.95 1.08 -4.83
N THR A 170 -3.86 1.97 -4.46
CA THR A 170 -4.57 2.83 -5.40
C THR A 170 -4.31 4.30 -5.04
N THR A 171 -4.94 5.20 -5.79
CA THR A 171 -4.68 6.62 -5.65
C THR A 171 -5.74 7.37 -4.87
N ASP A 172 -6.82 6.70 -4.47
CA ASP A 172 -7.87 7.38 -3.73
C ASP A 172 -7.46 7.62 -2.29
N SER A 173 -7.94 8.72 -1.73
CA SER A 173 -7.55 9.08 -0.38
C SER A 173 -8.46 8.38 0.62
N ASP A 174 -8.34 8.79 1.88
CA ASP A 174 -9.11 8.23 2.98
C ASP A 174 -9.75 9.35 3.78
N SER A 175 -10.59 8.97 4.72
CA SER A 175 -11.26 9.91 5.60
C SER A 175 -11.44 9.28 6.96
N LEU A 176 -11.48 10.12 7.98
CA LEU A 176 -11.72 9.69 9.35
C LEU A 176 -13.23 9.58 9.57
N TRP A 177 -13.68 8.40 10.02
CA TRP A 177 -15.10 8.18 10.28
C TRP A 177 -15.35 8.14 11.78
N VAL A 178 -16.44 8.75 12.20
CA VAL A 178 -16.85 8.71 13.60
C VAL A 178 -18.31 8.28 13.66
N TRP A 179 -18.59 7.24 14.44
CA TRP A 179 -19.95 6.93 14.87
C TRP A 179 -20.18 7.63 16.19
N TRP A 180 -21.28 8.36 16.28
CA TRP A 180 -21.62 9.11 17.49
C TRP A 180 -23.06 8.83 17.86
N ASP A 181 -23.27 8.44 19.11
CA ASP A 181 -24.59 8.48 19.71
C ASP A 181 -24.77 9.85 20.35
N GLY A 182 -25.96 10.42 20.19
CA GLY A 182 -26.21 11.69 20.82
C GLY A 182 -25.98 11.57 22.32
N GLY A 183 -24.85 12.11 22.77
CA GLY A 183 -24.36 11.87 24.11
C GLY A 183 -22.88 11.60 24.07
N SER A 184 -22.37 10.99 25.12
CA SER A 184 -20.92 10.82 25.29
C SER A 184 -20.49 9.40 24.90
N LYS A 185 -20.70 9.05 23.63
CA LYS A 185 -20.30 7.75 23.12
C LYS A 185 -19.98 7.91 21.64
N ALA A 186 -18.69 7.88 21.29
CA ALA A 186 -18.27 8.01 19.91
C ALA A 186 -17.20 6.98 19.60
N TYR A 187 -17.25 6.43 18.39
CA TYR A 187 -16.26 5.47 17.91
C TYR A 187 -15.56 6.04 16.68
N LEU A 188 -14.24 5.99 16.68
CA LEU A 188 -13.44 6.53 15.58
C LEU A 188 -12.88 5.38 14.75
N TYR A 189 -13.07 5.45 13.45
CA TYR A 189 -12.82 4.34 12.53
C TYR A 189 -11.70 4.69 11.57
N ILE A 190 -10.73 3.78 11.41
CA ILE A 190 -9.57 4.00 10.57
C ILE A 190 -9.46 2.84 9.59
N SER A 191 -9.30 3.15 8.31
CA SER A 191 -9.25 2.12 7.29
C SER A 191 -8.02 1.25 7.45
N THR A 192 -8.22 -0.07 7.37
CA THR A 192 -7.13 -1.03 7.43
C THR A 192 -7.42 -2.15 6.43
N TYR A 193 -6.36 -2.79 5.99
CA TYR A 193 -6.49 -3.85 5.00
C TYR A 193 -6.68 -5.22 5.63
N THR A 194 -5.97 -5.48 6.73
CA THR A 194 -6.02 -6.75 7.41
C THR A 194 -5.53 -6.53 8.84
N THR A 195 -5.29 -7.61 9.57
CA THR A 195 -4.80 -7.54 10.93
C THR A 195 -3.28 -7.44 10.96
N MET A 196 -2.72 -6.46 10.26
CA MET A 196 -1.27 -6.32 10.21
C MET A 196 -0.71 -5.82 11.54
N LEU A 197 -1.50 -5.11 12.32
CA LEU A 197 -1.11 -4.71 13.67
C LEU A 197 -1.67 -5.64 14.73
N GLY A 198 -2.32 -6.73 14.33
CA GLY A 198 -2.90 -7.70 15.24
C GLY A 198 -4.41 -7.59 15.29
N ALA A 199 -5.00 -8.47 16.11
CA ALA A 199 -6.44 -8.44 16.33
C ALA A 199 -6.84 -7.33 17.28
N GLY A 200 -6.00 -6.99 18.25
CA GLY A 200 -6.34 -5.99 19.23
C GLY A 200 -6.78 -6.60 20.54
N PRO A 201 -6.87 -5.78 21.59
CA PRO A 201 -6.63 -4.33 21.64
C PRO A 201 -5.17 -3.93 21.45
N VAL A 202 -4.96 -2.81 20.78
CA VAL A 202 -3.63 -2.31 20.46
C VAL A 202 -3.70 -0.80 20.36
N ASN A 203 -2.69 -0.13 20.89
CA ASN A 203 -2.62 1.32 20.81
C ASN A 203 -2.12 1.74 19.44
N ILE A 204 -2.87 2.62 18.78
CA ILE A 204 -2.58 3.06 17.41
C ILE A 204 -2.60 4.57 17.37
N THR A 205 -1.62 5.15 16.69
CA THR A 205 -1.59 6.58 16.40
C THR A 205 -1.74 6.77 14.89
N GLY A 206 -2.55 7.74 14.50
CA GLY A 206 -2.74 8.05 13.10
C GLY A 206 -2.50 9.52 12.81
N LEU A 207 -2.20 9.80 11.54
CA LEU A 207 -1.91 11.15 11.10
C LEU A 207 -2.49 11.37 9.71
N GLY A 208 -3.13 12.52 9.52
CA GLY A 208 -3.70 12.85 8.23
C GLY A 208 -3.79 14.36 8.07
N ALA A 209 -4.00 14.78 6.83
CA ALA A 209 -4.11 16.19 6.49
C ALA A 209 -5.50 16.44 5.92
N VAL A 210 -6.25 17.34 6.57
CA VAL A 210 -7.66 17.53 6.26
C VAL A 210 -7.84 17.92 4.81
N GLY A 211 -8.78 17.25 4.13
CA GLY A 211 -8.94 17.37 2.71
C GLY A 211 -10.11 18.25 2.31
N PRO A 212 -10.54 18.14 1.06
CA PRO A 212 -11.58 19.02 0.54
C PRO A 212 -12.94 18.70 1.12
N ASN A 213 -13.80 19.69 1.10
CA ASN A 213 -15.17 19.51 1.56
C ASN A 213 -15.90 18.63 0.56
N PRO A 214 -16.40 17.46 0.95
CA PRO A 214 -16.99 16.55 -0.03
C PRO A 214 -18.28 17.10 -0.62
N VAL A 215 -18.57 16.69 -1.85
CA VAL A 215 -19.78 17.10 -2.53
C VAL A 215 -20.74 15.92 -2.66
N GLN B 1 -0.85 -35.82 13.67
CA GLN B 1 0.03 -35.08 12.76
C GLN B 1 -0.30 -33.59 12.81
N SER B 2 0.00 -32.96 13.94
CA SER B 2 -0.24 -31.53 14.08
C SER B 2 0.78 -30.74 13.26
N VAL B 3 0.31 -29.65 12.66
CA VAL B 3 1.21 -28.81 11.88
C VAL B 3 2.16 -28.05 12.79
N LEU B 4 1.66 -27.49 13.88
CA LEU B 4 2.48 -26.74 14.83
C LEU B 4 2.96 -27.72 15.89
N THR B 5 4.16 -28.26 15.70
CA THR B 5 4.68 -29.24 16.63
C THR B 5 5.12 -28.59 17.92
N GLN B 6 4.71 -29.18 19.03
CA GLN B 6 5.03 -28.76 20.39
C GLN B 6 5.68 -29.92 21.12
N PRO B 7 6.48 -29.65 22.15
CA PRO B 7 6.93 -30.72 23.03
C PRO B 7 5.74 -31.36 23.73
N PRO B 8 5.69 -32.68 23.83
CA PRO B 8 4.58 -33.31 24.56
C PRO B 8 4.49 -32.89 26.01
N SER B 9 5.61 -32.69 26.70
CA SER B 9 5.55 -32.36 28.12
C SER B 9 6.84 -31.69 28.54
N VAL B 10 6.73 -30.84 29.55
CA VAL B 10 7.87 -30.19 30.18
C VAL B 10 7.65 -30.19 31.68
N SER B 11 8.73 -29.99 32.43
CA SER B 11 8.64 -30.04 33.89
C SER B 11 9.66 -29.10 34.49
N ALA B 12 9.37 -28.66 35.71
CA ALA B 12 10.30 -27.88 36.51
C ALA B 12 9.91 -27.99 37.98
N ALA B 13 10.87 -27.71 38.84
CA ALA B 13 10.62 -27.71 40.27
C ALA B 13 9.75 -26.52 40.64
N PRO B 14 9.03 -26.60 41.76
CA PRO B 14 8.20 -25.46 42.17
C PRO B 14 9.02 -24.18 42.29
N GLY B 15 8.58 -23.15 41.57
CA GLY B 15 9.28 -21.90 41.52
C GLY B 15 10.31 -21.76 40.42
N GLN B 16 10.56 -22.82 39.65
CA GLN B 16 11.50 -22.77 38.55
C GLN B 16 10.80 -22.21 37.31
N LYS B 17 11.49 -22.26 36.17
CA LYS B 17 10.98 -21.71 34.92
C LYS B 17 10.81 -22.82 33.89
N VAL B 18 9.83 -22.63 33.02
CA VAL B 18 9.59 -23.54 31.90
C VAL B 18 9.41 -22.71 30.64
N THR B 19 9.95 -23.19 29.54
CA THR B 19 9.74 -22.61 28.22
C THR B 19 9.04 -23.65 27.35
N ILE B 20 7.96 -23.24 26.70
CA ILE B 20 7.23 -24.10 25.79
C ILE B 20 7.47 -23.60 24.37
N SER B 21 7.93 -24.47 23.50
CA SER B 21 8.21 -24.14 22.12
C SER B 21 7.05 -24.52 21.22
N CYS B 22 7.00 -23.88 20.05
CA CYS B 22 5.92 -24.12 19.09
C CYS B 22 6.48 -23.84 17.70
N SER B 23 6.88 -24.90 17.01
CA SER B 23 7.52 -24.78 15.71
C SER B 23 6.48 -24.63 14.61
N GLY B 24 6.79 -23.79 13.62
CA GLY B 24 5.92 -23.57 12.49
C GLY B 24 6.43 -24.20 11.22
N HIS B 25 5.90 -23.73 10.10
CA HIS B 25 6.38 -24.13 8.78
C HIS B 25 6.37 -22.95 7.81
N SER B 26 6.50 -21.73 8.34
CA SER B 26 6.73 -20.51 7.57
C SER B 26 5.51 -20.06 6.78
N SER B 27 4.48 -20.91 6.73
CA SER B 27 3.16 -20.48 6.31
C SER B 27 2.24 -20.24 7.49
N ASN B 28 2.61 -20.72 8.66
CA ASN B 28 1.82 -20.57 9.87
C ASN B 28 2.28 -19.38 10.68
N ILE B 29 3.48 -19.47 11.23
CA ILE B 29 3.89 -18.57 12.30
C ILE B 29 4.67 -17.41 11.68
N ALA B 30 5.49 -17.71 10.68
CA ALA B 30 6.44 -16.73 10.17
C ALA B 30 5.76 -15.44 9.75
N ASN B 31 4.50 -15.50 9.34
CA ASN B 31 3.77 -14.33 8.87
C ASN B 31 2.63 -13.91 9.79
N ASN B 32 1.95 -14.85 10.42
CA ASN B 32 0.72 -14.58 11.15
C ASN B 32 0.99 -14.45 12.65
N TYR B 33 0.00 -13.92 13.35
CA TYR B 33 0.07 -13.81 14.80
C TYR B 33 -0.29 -15.13 15.46
N VAL B 34 0.20 -15.31 16.69
CA VAL B 34 0.03 -16.57 17.41
C VAL B 34 -0.65 -16.29 18.74
N ALA B 35 -1.55 -17.18 19.13
CA ALA B 35 -2.26 -17.12 20.40
C ALA B 35 -1.95 -18.37 21.22
N TRP B 36 -2.01 -18.20 22.54
CA TRP B 36 -1.73 -19.28 23.49
C TRP B 36 -2.94 -19.53 24.36
N TYR B 37 -3.27 -20.81 24.56
CA TYR B 37 -4.37 -21.24 25.40
C TYR B 37 -3.88 -22.30 26.38
N GLN B 38 -4.51 -22.36 27.54
CA GLN B 38 -4.26 -23.43 28.50
C GLN B 38 -5.57 -24.12 28.85
N GLN B 39 -5.52 -25.45 28.93
CA GLN B 39 -6.68 -26.26 29.23
C GLN B 39 -6.38 -27.12 30.46
N LEU B 40 -7.04 -26.81 31.57
CA LEU B 40 -6.95 -27.64 32.75
C LEU B 40 -7.70 -28.95 32.50
N PRO B 41 -7.37 -30.02 33.23
CA PRO B 41 -7.97 -31.32 32.95
C PRO B 41 -9.48 -31.29 33.07
N GLY B 42 -10.16 -31.70 32.00
CA GLY B 42 -11.61 -31.75 31.97
C GLY B 42 -12.31 -30.42 32.08
N THR B 43 -11.83 -29.41 31.35
CA THR B 43 -12.44 -28.09 31.38
C THR B 43 -12.22 -27.41 30.04
N ALA B 44 -12.81 -26.21 29.90
CA ALA B 44 -12.71 -25.43 28.69
C ALA B 44 -11.33 -24.77 28.56
N PRO B 45 -10.85 -24.57 27.33
CA PRO B 45 -9.61 -23.83 27.13
C PRO B 45 -9.75 -22.38 27.57
N LYS B 46 -8.63 -21.80 27.99
CA LYS B 46 -8.59 -20.44 28.50
C LYS B 46 -7.56 -19.62 27.73
N LEU B 47 -7.88 -18.35 27.50
CA LEU B 47 -6.97 -17.46 26.79
C LEU B 47 -5.82 -17.04 27.69
N LEU B 48 -4.60 -17.18 27.19
CA LEU B 48 -3.38 -16.79 27.88
C LEU B 48 -2.66 -15.66 27.18
N ILE B 49 -2.41 -15.81 25.88
CA ILE B 49 -1.61 -14.89 25.10
C ILE B 49 -2.29 -14.67 23.75
N TYR B 50 -2.34 -13.43 23.30
CA TYR B 50 -2.79 -13.09 21.97
C TYR B 50 -1.80 -12.12 21.34
N ASP B 51 -1.79 -12.07 20.01
CA ASP B 51 -0.94 -11.15 19.24
C ASP B 51 0.54 -11.33 19.56
N ASN B 52 0.93 -12.58 19.84
CA ASN B 52 2.29 -13.06 20.02
C ASN B 52 2.96 -12.63 21.32
N ASP B 53 2.44 -11.62 21.99
CA ASP B 53 3.00 -11.28 23.29
C ASP B 53 2.03 -10.67 24.28
N LYS B 54 0.75 -10.53 23.95
CA LYS B 54 -0.16 -9.73 24.75
C LYS B 54 -0.97 -10.60 25.70
N ARG B 55 -1.15 -10.11 26.93
CA ARG B 55 -1.86 -10.84 27.96
C ARG B 55 -3.24 -10.25 28.16
N PRO B 56 -4.30 -11.06 28.19
CA PRO B 56 -5.59 -10.57 28.69
C PRO B 56 -5.49 -10.17 30.16
N SER B 57 -6.51 -9.45 30.62
CA SER B 57 -6.45 -8.74 31.89
C SER B 57 -6.39 -9.64 33.11
N GLY B 58 -6.67 -10.93 32.95
CA GLY B 58 -6.71 -11.83 34.09
C GLY B 58 -5.49 -12.70 34.26
N ILE B 59 -4.53 -12.58 33.34
CA ILE B 59 -3.34 -13.44 33.32
C ILE B 59 -2.21 -12.69 34.01
N PRO B 60 -1.52 -13.30 34.98
CA PRO B 60 -0.44 -12.59 35.69
C PRO B 60 0.81 -12.44 34.84
N ASP B 61 1.83 -11.78 35.38
CA ASP B 61 3.03 -11.46 34.62
C ASP B 61 3.97 -12.63 34.45
N ARG B 62 3.71 -13.76 35.10
CA ARG B 62 4.59 -14.91 34.96
C ARG B 62 4.62 -15.40 33.53
N PHE B 63 3.46 -15.41 32.87
CA PHE B 63 3.37 -15.89 31.49
C PHE B 63 3.82 -14.80 30.55
N SER B 64 4.84 -15.09 29.76
CA SER B 64 5.32 -14.20 28.71
C SER B 64 5.54 -15.01 27.44
N ALA B 65 5.39 -14.41 26.34
CA ALA B 65 5.58 -15.12 25.06
C ALA B 65 6.16 -14.20 24.03
N SER B 66 6.73 -14.79 23.04
CA SER B 66 7.34 -14.07 21.94
C SER B 66 7.46 -15.02 20.76
N LYS B 67 7.65 -14.46 19.58
CA LYS B 67 7.73 -15.22 18.35
C LYS B 67 8.89 -14.70 17.52
N SER B 68 9.74 -15.62 17.06
CA SER B 68 10.92 -15.25 16.28
C SER B 68 11.10 -16.26 15.15
N GLY B 69 11.16 -15.77 13.92
CA GLY B 69 11.32 -16.65 12.78
C GLY B 69 10.09 -17.51 12.59
N THR B 70 10.32 -18.81 12.54
CA THR B 70 9.27 -19.79 12.30
C THR B 70 8.71 -20.37 13.60
N SER B 71 9.31 -20.07 14.74
CA SER B 71 8.89 -20.64 16.01
C SER B 71 8.43 -19.56 16.97
N ALA B 72 7.47 -19.91 17.83
CA ALA B 72 7.00 -19.05 18.89
C ALA B 72 7.20 -19.76 20.23
N THR B 73 7.46 -18.97 21.27
CA THR B 73 7.89 -19.50 22.56
C THR B 73 6.99 -18.99 23.67
N LEU B 74 6.55 -19.89 24.54
CA LEU B 74 5.78 -19.56 25.73
C LEU B 74 6.62 -19.89 26.97
N GLY B 75 6.62 -19.00 27.94
CA GLY B 75 7.39 -19.22 29.16
C GLY B 75 6.62 -18.78 30.39
N ILE B 76 6.90 -19.47 31.50
CA ILE B 76 6.31 -19.16 32.80
C ILE B 76 7.43 -19.00 33.81
N THR B 77 7.54 -17.81 34.41
CA THR B 77 8.56 -17.53 35.42
C THR B 77 7.93 -17.60 36.81
N GLY B 78 8.21 -18.68 37.52
CA GLY B 78 7.55 -18.97 38.78
C GLY B 78 6.47 -20.00 38.54
N LEU B 79 6.79 -21.27 38.78
CA LEU B 79 5.92 -22.38 38.39
C LEU B 79 5.18 -22.87 39.63
N GLN B 80 4.01 -22.29 39.88
CA GLN B 80 3.15 -22.75 40.96
C GLN B 80 2.53 -24.10 40.59
N THR B 81 2.14 -24.84 41.62
CA THR B 81 1.57 -26.17 41.40
C THR B 81 0.24 -26.10 40.66
N GLY B 82 -0.44 -24.96 40.71
CA GLY B 82 -1.72 -24.82 40.03
C GLY B 82 -1.60 -24.50 38.57
N ASP B 83 -0.47 -24.90 37.96
CA ASP B 83 -0.24 -24.72 36.54
C ASP B 83 -0.16 -26.06 35.81
N GLU B 84 -0.71 -27.11 36.40
CA GLU B 84 -0.75 -28.43 35.78
C GLU B 84 -1.84 -28.40 34.72
N ALA B 85 -1.46 -28.07 33.49
CA ALA B 85 -2.43 -27.92 32.42
C ALA B 85 -1.73 -28.15 31.09
N HIS B 86 -2.54 -28.35 30.06
CA HIS B 86 -2.04 -28.40 28.69
C HIS B 86 -2.03 -27.00 28.11
N TYR B 87 -1.10 -26.77 27.17
CA TYR B 87 -0.91 -25.46 26.57
C TYR B 87 -0.85 -25.62 25.06
N TYR B 88 -1.54 -24.74 24.36
CA TYR B 88 -1.66 -24.82 22.90
C TYR B 88 -1.30 -23.49 22.27
N CYS B 89 -0.67 -23.57 21.10
CA CYS B 89 -0.40 -22.42 20.26
C CYS B 89 -1.26 -22.50 19.01
N GLU B 90 -1.83 -21.36 18.61
CA GLU B 90 -2.75 -21.30 17.49
C GLU B 90 -2.39 -20.16 16.56
N THR B 91 -2.41 -20.44 15.26
CA THR B 91 -2.23 -19.42 14.24
C THR B 91 -2.85 -19.93 12.95
N TRP B 92 -2.91 -19.04 11.95
CA TRP B 92 -3.49 -19.36 10.66
C TRP B 92 -2.43 -19.97 9.75
N ASP B 93 -2.85 -20.91 8.92
CA ASP B 93 -2.00 -21.50 7.90
C ASP B 93 -2.58 -21.19 6.53
N SER B 94 -1.74 -20.74 5.60
CA SER B 94 -2.20 -20.36 4.28
C SER B 94 -2.16 -21.48 3.27
N SER B 95 -1.20 -22.40 3.38
CA SER B 95 -1.18 -23.56 2.48
C SER B 95 -2.44 -24.38 2.65
N LEU B 96 -2.65 -24.94 3.84
CA LEU B 96 -3.92 -25.51 4.24
C LEU B 96 -4.68 -24.41 4.98
N SER B 97 -5.74 -23.89 4.36
CA SER B 97 -6.39 -22.70 4.86
C SER B 97 -7.18 -23.00 6.12
N LEU B 98 -6.49 -22.98 7.27
CA LEU B 98 -7.10 -23.36 8.53
C LEU B 98 -6.52 -22.52 9.65
N TRP B 99 -7.22 -22.55 10.79
CA TRP B 99 -6.69 -22.06 12.06
C TRP B 99 -6.12 -23.26 12.81
N VAL B 100 -4.88 -23.60 12.45
CA VAL B 100 -4.25 -24.79 13.01
C VAL B 100 -3.86 -24.54 14.47
N PHE B 101 -4.00 -25.56 15.29
CA PHE B 101 -3.58 -25.52 16.69
C PHE B 101 -2.26 -26.25 16.85
N GLY B 102 -1.56 -25.92 17.94
CA GLY B 102 -0.43 -26.72 18.36
C GLY B 102 -0.89 -28.03 18.94
N GLY B 103 0.06 -28.96 19.07
CA GLY B 103 -0.28 -30.30 19.51
C GLY B 103 -0.58 -30.44 20.99
N GLY B 104 -0.28 -29.43 21.78
CA GLY B 104 -0.49 -29.52 23.20
C GLY B 104 0.78 -29.85 23.95
N THR B 105 0.89 -29.32 25.16
CA THR B 105 2.06 -29.55 26.01
C THR B 105 1.58 -29.60 27.45
N MET B 106 1.84 -30.72 28.12
CA MET B 106 1.41 -30.92 29.50
C MET B 106 2.59 -30.63 30.42
N VAL B 107 2.52 -29.53 31.15
CA VAL B 107 3.57 -29.17 32.10
C VAL B 107 3.23 -29.75 33.46
N THR B 108 4.20 -30.46 34.05
CA THR B 108 4.03 -31.11 35.34
C THR B 108 5.06 -30.58 36.33
N VAL B 109 4.62 -30.23 37.53
CA VAL B 109 5.50 -29.73 38.57
C VAL B 109 6.05 -30.95 39.30
N LEU B 110 7.17 -31.47 38.80
CA LEU B 110 7.83 -32.61 39.40
C LEU B 110 9.27 -32.73 38.91
N GLN C 1 -22.18 -11.67 33.56
CA GLN C 1 -21.74 -10.82 32.46
C GLN C 1 -21.66 -11.62 31.16
N VAL C 2 -20.46 -11.71 30.59
CA VAL C 2 -20.25 -12.47 29.37
C VAL C 2 -20.36 -13.96 29.70
N GLN C 3 -21.23 -14.65 28.97
CA GLN C 3 -21.38 -16.08 29.17
C GLN C 3 -21.72 -16.73 27.84
N ILE C 4 -21.35 -18.00 27.73
CA ILE C 4 -21.73 -18.82 26.60
C ILE C 4 -22.24 -20.15 27.14
N VAL C 5 -23.45 -20.54 26.75
CA VAL C 5 -24.09 -21.74 27.22
C VAL C 5 -24.37 -22.64 26.03
N GLN C 6 -24.00 -23.90 26.14
CA GLN C 6 -24.21 -24.87 25.06
C GLN C 6 -25.31 -25.85 25.44
N SER C 7 -25.72 -26.64 24.47
CA SER C 7 -26.75 -27.64 24.68
C SER C 7 -26.19 -28.79 25.51
N GLY C 8 -27.03 -29.79 25.76
CA GLY C 8 -26.64 -30.93 26.55
C GLY C 8 -25.92 -31.99 25.73
N ALA C 9 -25.46 -33.02 26.44
CA ALA C 9 -24.72 -34.10 25.81
C ALA C 9 -25.63 -34.92 24.90
N GLU C 10 -25.06 -35.48 23.85
CA GLU C 10 -25.82 -36.19 22.83
C GLU C 10 -25.18 -37.53 22.52
N VAL C 11 -26.01 -38.55 22.34
CA VAL C 11 -25.57 -39.89 21.97
C VAL C 11 -26.27 -40.24 20.66
N LYS C 12 -25.48 -40.61 19.65
CA LYS C 12 -26.06 -40.87 18.34
C LYS C 12 -25.54 -42.16 17.73
N LYS C 13 -25.87 -42.41 16.47
CA LYS C 13 -25.55 -43.64 15.79
C LYS C 13 -24.73 -43.36 14.55
N PRO C 14 -24.02 -44.36 14.01
CA PRO C 14 -23.30 -44.15 12.75
C PRO C 14 -24.24 -43.68 11.65
N GLY C 15 -24.08 -42.42 11.26
CA GLY C 15 -24.98 -41.81 10.30
C GLY C 15 -26.08 -41.10 11.06
N ALA C 16 -25.99 -39.78 11.14
CA ALA C 16 -26.95 -39.00 11.92
C ALA C 16 -26.72 -37.53 11.57
N SER C 17 -27.44 -36.66 12.26
CA SER C 17 -27.34 -35.23 12.05
C SER C 17 -27.46 -34.57 13.42
N VAL C 18 -26.32 -34.34 14.05
CA VAL C 18 -26.30 -33.67 15.34
C VAL C 18 -26.38 -32.17 15.12
N LYS C 19 -27.12 -31.49 15.99
CA LYS C 19 -27.17 -30.04 15.99
C LYS C 19 -26.91 -29.56 17.40
N VAL C 20 -25.81 -28.84 17.60
CA VAL C 20 -25.43 -28.32 18.91
C VAL C 20 -25.51 -26.81 18.84
N SER C 21 -26.11 -26.21 19.86
CA SER C 21 -26.37 -24.78 19.88
C SER C 21 -25.56 -24.12 20.98
N CYS C 22 -25.23 -22.85 20.76
CA CYS C 22 -24.42 -22.07 21.70
C CYS C 22 -25.06 -20.70 21.83
N THR C 23 -25.53 -20.38 23.03
CA THR C 23 -26.18 -19.11 23.33
C THR C 23 -25.23 -18.23 24.14
N ALA C 24 -25.09 -16.98 23.72
CA ALA C 24 -24.17 -16.04 24.35
C ALA C 24 -24.93 -14.85 24.88
N SER C 25 -24.48 -14.33 26.03
CA SER C 25 -25.17 -13.23 26.68
C SER C 25 -24.13 -12.35 27.37
N GLY C 26 -24.53 -11.10 27.61
CA GLY C 26 -23.67 -10.13 28.26
C GLY C 26 -22.96 -9.17 27.34
N TYR C 27 -23.19 -9.25 26.04
CA TYR C 27 -22.48 -8.40 25.09
C TYR C 27 -23.28 -8.34 23.80
N THR C 28 -22.86 -7.42 22.93
CA THR C 28 -23.49 -7.26 21.63
C THR C 28 -23.19 -8.46 20.75
N PHE C 29 -24.24 -9.17 20.34
CA PHE C 29 -24.05 -10.43 19.62
C PHE C 29 -23.32 -10.21 18.30
N THR C 30 -23.69 -9.19 17.55
CA THR C 30 -23.11 -8.95 16.23
C THR C 30 -21.74 -8.29 16.28
N ARG C 31 -21.32 -7.80 17.45
CA ARG C 31 -20.03 -7.10 17.54
C ARG C 31 -18.86 -8.06 17.28
N TYR C 32 -18.99 -9.31 17.70
CA TYR C 32 -17.93 -10.30 17.59
C TYR C 32 -18.37 -11.44 16.69
N GLY C 33 -17.45 -12.36 16.42
CA GLY C 33 -17.75 -13.59 15.73
C GLY C 33 -17.72 -14.78 16.68
N LEU C 34 -18.09 -15.93 16.13
CA LEU C 34 -18.15 -17.15 16.91
C LEU C 34 -17.45 -18.28 16.17
N VAL C 35 -16.73 -19.10 16.92
CA VAL C 35 -15.93 -20.19 16.38
C VAL C 35 -16.49 -21.50 16.89
N TRP C 36 -16.06 -22.60 16.28
CA TRP C 36 -16.45 -23.92 16.72
C TRP C 36 -15.23 -24.84 16.66
N VAL C 37 -14.83 -25.40 17.80
CA VAL C 37 -13.66 -26.23 17.92
C VAL C 37 -14.07 -27.53 18.59
N ARG C 38 -13.65 -28.66 18.01
CA ARG C 38 -13.89 -29.97 18.59
C ARG C 38 -12.60 -30.53 19.17
N GLN C 39 -12.72 -31.35 20.21
CA GLN C 39 -11.57 -31.98 20.84
C GLN C 39 -11.92 -33.42 21.18
N ALA C 40 -11.23 -34.36 20.55
CA ALA C 40 -11.46 -35.76 20.81
C ALA C 40 -10.95 -36.14 22.20
N PRO C 41 -11.41 -37.29 22.75
CA PRO C 41 -10.97 -37.71 24.09
C PRO C 41 -9.47 -37.62 24.28
N GLY C 42 -8.70 -38.34 23.48
CA GLY C 42 -7.28 -38.05 23.41
C GLY C 42 -6.93 -37.38 22.11
N GLN C 43 -6.78 -36.05 22.15
CA GLN C 43 -6.46 -35.24 20.99
C GLN C 43 -6.38 -33.80 21.48
N GLY C 44 -5.94 -32.92 20.60
CA GLY C 44 -5.89 -31.49 20.86
C GLY C 44 -7.11 -30.78 20.37
N LEU C 45 -6.93 -29.52 20.00
CA LEU C 45 -7.99 -28.66 19.54
C LEU C 45 -8.01 -28.62 18.01
N GLU C 46 -9.18 -28.82 17.42
CA GLU C 46 -9.35 -28.86 15.96
C GLU C 46 -10.39 -27.83 15.53
N TRP C 47 -9.95 -26.80 14.82
CA TRP C 47 -10.85 -25.76 14.35
C TRP C 47 -11.79 -26.31 13.28
N MET C 48 -13.07 -25.98 13.40
CA MET C 48 -14.09 -26.47 12.48
C MET C 48 -14.64 -25.40 11.56
N GLY C 49 -14.88 -24.19 12.07
CA GLY C 49 -15.38 -23.14 11.23
C GLY C 49 -15.84 -21.94 12.02
N SER C 50 -15.84 -20.77 11.39
CA SER C 50 -16.23 -19.53 12.06
C SER C 50 -17.47 -18.95 11.39
N ILE C 51 -18.16 -18.07 12.13
CA ILE C 51 -19.35 -17.39 11.63
C ILE C 51 -19.20 -15.91 11.88
N ASN C 52 -19.85 -15.13 11.04
CA ASN C 52 -19.94 -13.69 11.23
C ASN C 52 -21.33 -13.39 11.77
N THR C 53 -21.40 -12.96 13.02
CA THR C 53 -22.69 -12.73 13.64
C THR C 53 -23.42 -11.53 13.05
N GLY C 54 -22.74 -10.70 12.25
CA GLY C 54 -23.37 -9.56 11.63
C GLY C 54 -23.82 -9.82 10.20
N ASN C 55 -23.02 -10.56 9.43
CA ASN C 55 -23.30 -10.78 8.02
C ASN C 55 -23.49 -12.25 7.67
N ALA C 56 -23.63 -13.12 8.66
CA ALA C 56 -23.84 -14.55 8.47
C ALA C 56 -22.75 -15.20 7.63
N ASN C 57 -21.61 -14.53 7.47
CA ASN C 57 -20.52 -15.09 6.68
C ASN C 57 -19.91 -16.28 7.41
N THR C 58 -19.55 -17.31 6.65
CA THR C 58 -19.05 -18.54 7.25
C THR C 58 -17.82 -19.04 6.51
N ILE C 59 -16.86 -19.55 7.26
CA ILE C 59 -15.74 -20.32 6.72
C ILE C 59 -15.73 -21.66 7.42
N TYR C 60 -15.06 -22.63 6.81
CA TYR C 60 -15.12 -23.99 7.29
C TYR C 60 -13.74 -24.63 7.19
N SER C 61 -13.59 -25.76 7.88
CA SER C 61 -12.41 -26.59 7.75
C SER C 61 -12.57 -27.48 6.53
N GLU C 62 -11.47 -27.68 5.81
CA GLU C 62 -11.49 -28.53 4.64
C GLU C 62 -11.33 -30.00 4.98
N LYS C 63 -11.22 -30.34 6.27
CA LYS C 63 -11.11 -31.74 6.67
C LYS C 63 -12.36 -32.51 6.29
N PHE C 64 -13.52 -31.88 6.45
CA PHE C 64 -14.80 -32.46 6.05
C PHE C 64 -15.10 -32.01 4.62
N GLN C 65 -15.46 -32.96 3.75
CA GLN C 65 -15.75 -32.57 2.38
C GLN C 65 -16.94 -31.64 2.37
N GLY C 66 -18.13 -32.15 2.66
CA GLY C 66 -19.18 -31.32 3.20
C GLY C 66 -19.93 -32.06 4.28
N ARG C 67 -19.78 -31.63 5.53
CA ARG C 67 -20.54 -32.22 6.63
C ARG C 67 -20.94 -31.20 7.68
N VAL C 68 -20.51 -29.95 7.57
CA VAL C 68 -20.63 -28.99 8.66
C VAL C 68 -21.30 -27.74 8.14
N SER C 69 -22.31 -27.26 8.88
CA SER C 69 -22.94 -25.98 8.60
C SER C 69 -23.10 -25.25 9.92
N ILE C 70 -22.72 -23.99 9.94
CA ILE C 70 -22.87 -23.13 11.12
C ILE C 70 -23.86 -22.03 10.76
N THR C 71 -24.87 -21.85 11.61
CA THR C 71 -25.91 -20.87 11.37
C THR C 71 -26.11 -20.05 12.63
N ARG C 72 -26.51 -18.80 12.45
CA ARG C 72 -26.73 -17.89 13.55
C ARG C 72 -28.20 -17.51 13.62
N ASP C 73 -28.63 -17.11 14.82
CA ASP C 73 -29.97 -16.58 15.04
C ASP C 73 -29.78 -15.34 15.91
N THR C 74 -29.73 -14.18 15.26
CA THR C 74 -29.42 -12.94 15.96
C THR C 74 -30.49 -12.64 17.01
N SER C 75 -31.76 -12.87 16.67
CA SER C 75 -32.83 -12.58 17.61
C SER C 75 -32.68 -13.39 18.88
N ALA C 76 -32.34 -14.67 18.75
CA ALA C 76 -32.16 -15.54 19.90
C ALA C 76 -30.74 -15.52 20.44
N SER C 77 -29.83 -14.77 19.81
CA SER C 77 -28.46 -14.60 20.28
C SER C 77 -27.75 -15.95 20.46
N THR C 78 -28.01 -16.86 19.54
CA THR C 78 -27.42 -18.19 19.62
C THR C 78 -26.92 -18.60 18.25
N THR C 79 -25.92 -19.47 18.23
CA THR C 79 -25.39 -20.04 17.01
C THR C 79 -25.62 -21.54 17.02
N TYR C 80 -25.68 -22.12 15.84
CA TYR C 80 -26.01 -23.51 15.67
C TYR C 80 -24.95 -24.17 14.81
N MET C 81 -24.53 -25.35 15.20
CA MET C 81 -23.57 -26.14 14.45
C MET C 81 -24.21 -27.46 14.06
N GLU C 82 -24.06 -27.86 12.81
CA GLU C 82 -24.64 -29.08 12.29
C GLU C 82 -23.53 -29.99 11.76
N LEU C 83 -23.65 -31.29 12.03
CA LEU C 83 -22.74 -32.27 11.50
C LEU C 83 -23.53 -33.42 10.88
N ARG C 84 -23.01 -33.99 9.80
CA ARG C 84 -23.76 -34.93 8.99
C ARG C 84 -22.92 -36.18 8.74
N SER C 85 -23.61 -37.30 8.54
CA SER C 85 -23.00 -38.59 8.24
C SER C 85 -21.91 -38.93 9.27
N LEU C 86 -22.35 -39.03 10.52
CA LEU C 86 -21.41 -39.21 11.62
C LEU C 86 -20.82 -40.60 11.64
N ARG C 87 -19.55 -40.69 12.02
CA ARG C 87 -18.90 -41.98 12.23
C ARG C 87 -18.25 -41.99 13.61
N TYR C 88 -17.55 -43.07 13.95
CA TYR C 88 -16.95 -43.12 15.28
C TYR C 88 -15.68 -42.29 15.28
N GLU C 89 -15.76 -41.07 14.79
CA GLU C 89 -14.69 -40.11 14.90
C GLU C 89 -15.17 -38.72 15.26
N ASP C 90 -16.46 -38.43 15.12
CA ASP C 90 -17.03 -37.17 15.57
C ASP C 90 -17.27 -37.16 17.06
N THR C 91 -16.89 -38.24 17.75
CA THR C 91 -17.01 -38.32 19.20
C THR C 91 -16.02 -37.36 19.83
N ALA C 92 -16.50 -36.19 20.22
CA ALA C 92 -15.62 -35.16 20.74
C ALA C 92 -16.45 -34.20 21.57
N VAL C 93 -15.76 -33.38 22.35
CA VAL C 93 -16.38 -32.26 23.03
C VAL C 93 -16.32 -31.07 22.09
N TYR C 94 -17.47 -30.46 21.84
CA TYR C 94 -17.58 -29.39 20.85
C TYR C 94 -17.68 -28.06 21.56
N PHE C 95 -16.77 -27.16 21.24
CA PHE C 95 -16.63 -25.89 21.94
C PHE C 95 -17.09 -24.75 21.05
N CYS C 96 -17.86 -23.84 21.62
CA CYS C 96 -18.22 -22.58 20.97
C CYS C 96 -17.56 -21.45 21.73
N ALA C 97 -16.83 -20.60 21.02
CA ALA C 97 -16.12 -19.51 21.67
C ALA C 97 -16.34 -18.22 20.89
N ARG C 98 -16.11 -17.10 21.58
CA ARG C 98 -16.21 -15.80 20.97
C ARG C 98 -14.92 -15.43 20.26
N GLU C 99 -15.04 -14.84 19.07
CA GLU C 99 -13.91 -14.51 18.22
C GLU C 99 -13.52 -13.05 18.36
N ARG C 100 -12.23 -12.79 18.39
CA ARG C 100 -11.67 -11.44 18.41
C ARG C 100 -10.67 -11.35 17.26
N GLY C 101 -11.02 -10.61 16.22
CA GLY C 101 -10.24 -10.58 14.99
C GLY C 101 -10.92 -11.39 13.92
N GLY C 102 -10.17 -12.25 13.24
CA GLY C 102 -10.79 -13.19 12.32
C GLY C 102 -10.37 -13.10 10.87
N SER C 103 -9.40 -12.24 10.57
CA SER C 103 -8.93 -12.08 9.20
C SER C 103 -8.21 -13.33 8.72
N VAL C 104 -8.34 -13.61 7.43
CA VAL C 104 -7.63 -14.70 6.79
C VAL C 104 -6.63 -14.22 5.76
N VAL C 105 -6.49 -12.89 5.60
CA VAL C 105 -5.39 -12.34 4.81
C VAL C 105 -4.09 -12.48 5.59
N GLU C 106 -3.01 -12.76 4.87
CA GLU C 106 -1.78 -13.35 5.41
C GLU C 106 -1.21 -12.67 6.66
N PRO C 107 -1.40 -11.38 6.85
CA PRO C 107 -1.16 -10.90 8.24
C PRO C 107 -2.40 -11.10 9.11
N ALA C 108 -2.66 -12.37 9.46
CA ALA C 108 -3.90 -12.77 10.12
C ALA C 108 -3.72 -12.90 11.62
N ALA C 109 -4.71 -12.38 12.36
CA ALA C 109 -4.69 -12.43 13.82
C ALA C 109 -6.10 -12.67 14.31
N HIS C 110 -6.26 -13.58 15.27
CA HIS C 110 -7.57 -14.00 15.75
C HIS C 110 -7.38 -14.86 17.00
N TYR C 111 -8.15 -14.56 18.03
CA TYR C 111 -8.11 -15.36 19.25
C TYR C 111 -9.52 -15.50 19.82
N MET C 112 -9.62 -16.38 20.82
CA MET C 112 -10.89 -16.71 21.46
C MET C 112 -10.76 -16.44 22.95
N ASP C 113 -11.54 -15.47 23.45
CA ASP C 113 -11.41 -15.02 24.83
C ASP C 113 -12.51 -15.53 25.74
N VAL C 114 -13.67 -15.90 25.21
CA VAL C 114 -14.77 -16.41 26.01
C VAL C 114 -15.20 -17.75 25.41
N TRP C 115 -15.12 -18.80 26.20
CA TRP C 115 -15.38 -20.15 25.74
C TRP C 115 -16.65 -20.71 26.36
N GLY C 116 -17.21 -21.70 25.70
CA GLY C 116 -18.28 -22.49 26.27
C GLY C 116 -17.74 -23.76 26.89
N ASN C 117 -18.52 -24.33 27.81
CA ASN C 117 -18.07 -25.52 28.50
C ASN C 117 -18.10 -26.77 27.62
N GLY C 118 -18.68 -26.68 26.44
CA GLY C 118 -18.62 -27.75 25.48
C GLY C 118 -19.81 -28.68 25.55
N THR C 119 -20.03 -29.40 24.46
CA THR C 119 -21.05 -30.42 24.37
C THR C 119 -20.39 -31.72 23.93
N THR C 120 -20.67 -32.80 24.65
CA THR C 120 -20.09 -34.10 24.34
C THR C 120 -21.02 -34.84 23.38
N VAL C 121 -20.53 -35.16 22.20
CA VAL C 121 -21.26 -35.92 21.21
C VAL C 121 -20.61 -37.29 21.12
N SER C 122 -21.42 -38.34 21.13
CA SER C 122 -20.94 -39.71 21.09
C SER C 122 -21.56 -40.45 19.92
N VAL C 123 -20.76 -41.23 19.22
CA VAL C 123 -21.20 -42.03 18.09
C VAL C 123 -20.88 -43.47 18.44
N THR C 124 -21.88 -44.22 18.88
CA THR C 124 -21.68 -45.58 19.36
C THR C 124 -22.77 -46.47 18.80
N SER C 125 -22.86 -47.69 19.32
CA SER C 125 -23.89 -48.63 18.93
C SER C 125 -24.17 -49.64 20.04
N ALA D 64 12.34 34.84 23.74
CA ALA D 64 12.99 33.70 23.12
C ALA D 64 12.20 33.22 21.90
N PRO D 65 12.87 33.14 20.75
CA PRO D 65 12.20 32.70 19.53
C PRO D 65 11.79 31.23 19.62
N ALA D 66 11.04 30.81 18.61
CA ALA D 66 10.55 29.45 18.56
C ALA D 66 11.70 28.49 18.25
N ARG D 67 11.41 27.20 18.35
CA ARG D 67 12.41 26.19 18.08
C ARG D 67 12.80 26.24 16.61
N PRO D 68 14.09 26.38 16.29
CA PRO D 68 14.49 26.51 14.88
C PRO D 68 14.19 25.26 14.08
N ILE D 69 14.01 25.45 12.78
CA ILE D 69 13.61 24.34 11.90
C ILE D 69 14.70 23.28 11.85
N THR D 70 15.95 23.66 12.13
CA THR D 70 17.03 22.70 12.23
C THR D 70 16.89 21.76 13.41
N ASN D 71 16.02 22.08 14.37
CA ASN D 71 15.83 21.30 15.59
C ASN D 71 14.61 20.42 15.44
N TRP D 72 14.78 19.12 15.61
CA TRP D 72 13.69 18.18 15.40
C TRP D 72 13.60 17.21 16.58
N ARG D 73 12.36 16.85 16.92
CA ARG D 73 12.07 15.94 18.01
C ARG D 73 11.17 14.82 17.49
N SER D 74 11.31 13.65 18.09
CA SER D 74 10.46 12.53 17.71
C SER D 74 9.01 12.83 18.05
N GLY D 75 8.12 12.54 17.11
CA GLY D 75 6.73 12.90 17.26
C GLY D 75 6.34 14.24 16.68
N ASP D 76 7.30 15.03 16.20
CA ASP D 76 6.98 16.24 15.47
C ASP D 76 6.35 15.88 14.13
N VAL D 77 5.55 16.79 13.61
CA VAL D 77 4.87 16.59 12.33
C VAL D 77 5.60 17.41 11.28
N VAL D 78 6.01 16.74 10.19
CA VAL D 78 6.78 17.36 9.13
C VAL D 78 5.91 17.47 7.89
N TRP D 79 5.85 18.67 7.32
CA TRP D 79 5.08 18.96 6.12
C TRP D 79 6.05 19.35 5.02
N VAL D 80 6.01 18.62 3.91
CA VAL D 80 6.93 18.86 2.81
C VAL D 80 6.14 19.17 1.55
N THR D 81 6.58 20.20 0.83
CA THR D 81 6.08 20.53 -0.49
C THR D 81 7.18 20.29 -1.50
N LEU D 82 6.87 19.54 -2.56
CA LEU D 82 7.83 19.14 -3.57
C LEU D 82 7.39 19.73 -4.91
N PRO D 83 7.78 20.97 -5.20
CA PRO D 83 7.32 21.61 -6.44
C PRO D 83 8.01 21.01 -7.65
N SER D 84 7.24 20.72 -8.68
CA SER D 84 7.76 20.21 -9.96
C SER D 84 8.59 18.97 -9.73
N ALA D 85 8.14 18.11 -8.83
CA ALA D 85 8.88 16.90 -8.51
C ALA D 85 8.88 15.95 -9.69
N GLU D 86 9.99 15.23 -9.86
CA GLU D 86 10.15 14.30 -10.97
C GLU D 86 10.49 12.92 -10.45
N TYR D 87 10.27 11.92 -11.29
CA TYR D 87 10.40 10.53 -10.88
C TYR D 87 11.81 10.04 -11.10
N ALA D 88 12.33 9.30 -10.12
CA ALA D 88 13.62 8.62 -10.25
C ALA D 88 13.38 7.13 -10.23
N GLN D 89 13.97 6.42 -11.20
CA GLN D 89 13.79 4.98 -11.28
C GLN D 89 14.42 4.31 -10.06
N SER D 90 15.65 4.67 -9.74
CA SER D 90 16.35 4.11 -8.58
C SER D 90 16.94 5.22 -7.75
N GLN D 91 16.74 5.15 -6.44
CA GLN D 91 17.40 6.02 -5.47
C GLN D 91 18.27 5.16 -4.58
N SER D 92 19.56 5.49 -4.50
N SER D 92 19.56 5.50 -4.49
CA SER D 92 20.49 4.69 -3.71
CA SER D 92 20.50 4.69 -3.72
C SER D 92 20.17 4.74 -2.23
C SER D 92 20.17 4.74 -2.23
N ALA D 93 19.80 5.92 -1.71
CA ALA D 93 19.46 6.03 -0.30
C ALA D 93 18.21 5.24 0.06
N MET D 94 17.39 4.87 -0.93
CA MET D 94 16.24 4.00 -0.72
C MET D 94 16.52 2.56 -1.11
N GLY D 95 17.79 2.18 -1.20
CA GLY D 95 18.12 0.84 -1.64
C GLY D 95 17.77 0.54 -3.08
N SER D 96 18.08 1.46 -3.99
CA SER D 96 17.83 1.30 -5.42
C SER D 96 16.35 1.09 -5.70
N HIS D 97 15.55 2.01 -5.18
CA HIS D 97 14.10 1.98 -5.27
C HIS D 97 13.59 3.32 -5.75
N PRO D 98 12.41 3.35 -6.36
CA PRO D 98 11.93 4.59 -6.98
C PRO D 98 11.69 5.70 -5.97
N ALA D 99 11.75 6.94 -6.45
CA ALA D 99 11.53 8.08 -5.59
C ALA D 99 10.93 9.23 -6.39
N TYR D 100 10.29 10.13 -5.67
CA TYR D 100 9.88 11.43 -6.19
C TYR D 100 10.71 12.49 -5.50
N TRP D 101 11.40 13.32 -6.28
CA TRP D 101 12.34 14.26 -5.70
C TRP D 101 12.17 15.61 -6.35
N SER D 102 12.52 16.65 -5.62
CA SER D 102 12.26 18.00 -6.07
C SER D 102 13.54 18.84 -6.02
N GLU D 103 13.66 19.72 -7.02
CA GLU D 103 14.78 20.66 -7.06
C GLU D 103 14.71 21.64 -5.90
N GLU D 104 13.51 22.11 -5.57
CA GLU D 104 13.31 23.24 -4.66
C GLU D 104 12.20 22.95 -3.66
N ALA D 105 12.29 21.82 -2.98
CA ALA D 105 11.29 21.45 -1.98
C ALA D 105 11.36 22.36 -0.76
N THR D 106 10.28 22.35 0.02
CA THR D 106 10.16 23.13 1.24
C THR D 106 9.72 22.21 2.38
N ILE D 107 10.30 22.41 3.56
CA ILE D 107 10.03 21.61 4.75
C ILE D 107 9.34 22.48 5.79
N ILE D 108 8.34 21.92 6.44
CA ILE D 108 7.56 22.63 7.44
C ILE D 108 7.47 21.77 8.69
N ASN D 109 7.72 22.38 9.85
CA ASN D 109 7.43 21.77 11.15
C ASN D 109 6.05 22.28 11.58
N VAL D 110 5.05 21.39 11.50
CA VAL D 110 3.66 21.82 11.61
C VAL D 110 3.33 22.30 13.02
N ALA D 111 3.88 21.65 14.04
CA ALA D 111 3.56 22.02 15.42
C ALA D 111 4.02 23.43 15.74
N THR D 112 5.23 23.81 15.32
CA THR D 112 5.79 25.11 15.67
C THR D 112 5.60 26.16 14.59
N GLY D 113 5.19 25.77 13.39
CA GLY D 113 4.97 26.74 12.34
C GLY D 113 6.23 27.35 11.76
N GLN D 114 7.38 26.72 11.94
CA GLN D 114 8.62 27.15 11.33
C GLN D 114 8.87 26.34 10.07
N ARG D 115 9.47 26.98 9.07
CA ARG D 115 9.65 26.35 7.77
C ARG D 115 10.80 27.04 7.04
N ALA D 116 11.34 26.34 6.06
CA ALA D 116 12.37 26.89 5.19
C ALA D 116 12.46 26.02 3.96
N ALA D 117 13.08 26.57 2.91
CA ALA D 117 13.40 25.79 1.73
C ALA D 117 14.51 24.80 2.06
N VAL D 118 14.40 23.60 1.51
CA VAL D 118 15.36 22.55 1.82
C VAL D 118 16.76 22.96 1.34
N SER D 119 16.83 23.66 0.21
CA SER D 119 18.11 24.10 -0.35
C SER D 119 18.80 25.15 0.51
N SER D 120 18.10 25.75 1.47
N SER D 120 18.10 25.75 1.47
CA SER D 120 18.69 26.76 2.34
CA SER D 120 18.69 26.76 2.34
C SER D 120 19.05 26.20 3.71
C SER D 120 19.05 26.20 3.71
N ILE D 121 19.04 24.87 3.87
CA ILE D 121 19.29 24.23 5.15
C ILE D 121 20.68 23.59 5.11
N LYS D 122 21.48 23.90 6.13
CA LYS D 122 22.78 23.26 6.31
C LYS D 122 22.54 21.91 6.95
N TRP D 123 22.43 20.88 6.12
CA TRP D 123 21.98 19.59 6.61
C TRP D 123 22.99 18.94 7.55
N ASP D 124 24.25 19.35 7.52
CA ASP D 124 25.24 18.79 8.43
C ASP D 124 25.01 19.20 9.88
N GLN D 125 24.19 20.21 10.13
CA GLN D 125 23.92 20.67 11.49
C GLN D 125 22.43 20.60 11.82
N VAL D 126 21.75 19.58 11.30
CA VAL D 126 20.35 19.32 11.60
C VAL D 126 20.27 18.20 12.62
N THR D 127 19.55 18.45 13.71
CA THR D 127 19.52 17.55 14.85
C THR D 127 18.15 16.91 15.02
N LEU D 128 18.14 15.64 15.39
CA LEU D 128 16.93 14.94 15.81
C LEU D 128 17.12 14.49 17.25
N ASN D 129 16.23 14.94 18.14
CA ASN D 129 16.32 14.65 19.57
C ASN D 129 17.64 15.12 20.15
N GLY D 130 18.21 16.18 19.60
CA GLY D 130 19.46 16.73 20.09
C GLY D 130 20.71 16.13 19.51
N LYS D 131 20.60 15.10 18.67
CA LYS D 131 21.75 14.43 18.10
C LYS D 131 21.79 14.63 16.59
N ALA D 132 22.98 14.56 16.02
CA ALA D 132 23.17 14.81 14.60
C ALA D 132 22.42 13.79 13.77
N LEU D 133 22.00 14.22 12.61
CA LEU D 133 21.20 13.40 11.72
C LEU D 133 22.05 12.33 11.07
N HIS D 134 21.46 11.15 10.87
CA HIS D 134 22.20 10.05 10.29
C HIS D 134 22.61 10.37 8.86
N LYS D 135 23.85 10.04 8.53
CA LYS D 135 24.42 10.30 7.22
C LYS D 135 24.79 8.97 6.57
N GLU D 136 24.46 8.83 5.30
CA GLU D 136 24.68 7.59 4.57
C GLU D 136 25.20 7.94 3.18
N THR D 137 26.40 7.45 2.86
CA THR D 137 27.08 7.82 1.63
C THR D 137 27.02 6.66 0.64
N HIS D 138 26.16 6.79 -0.37
CA HIS D 138 26.09 5.88 -1.50
C HIS D 138 26.46 6.64 -2.76
N SER D 139 27.21 5.99 -3.65
CA SER D 139 27.72 6.59 -4.88
C SER D 139 28.56 7.83 -4.58
N GLY D 140 29.21 7.86 -3.43
CA GLY D 140 30.05 8.99 -3.10
C GLY D 140 29.31 10.27 -2.89
N LEU D 141 28.01 10.20 -2.61
CA LEU D 141 27.18 11.37 -2.32
C LEU D 141 26.62 11.26 -0.92
N VAL D 142 26.69 12.35 -0.16
CA VAL D 142 26.20 12.36 1.21
C VAL D 142 24.69 12.48 1.17
N TYR D 143 24.01 11.53 1.82
CA TYR D 143 22.57 11.56 2.00
C TYR D 143 22.25 11.67 3.48
N TYR D 144 21.20 12.41 3.79
CA TYR D 144 20.73 12.58 5.15
C TYR D 144 19.37 11.92 5.29
N GLN D 145 19.10 11.37 6.48
CA GLN D 145 17.86 10.63 6.72
C GLN D 145 17.11 11.28 7.88
N LEU D 146 15.87 11.70 7.63
CA LEU D 146 14.97 12.17 8.67
C LEU D 146 13.95 11.09 8.93
N PRO D 147 14.09 10.28 9.99
CA PRO D 147 13.15 9.18 10.20
C PRO D 147 11.77 9.69 10.60
N LEU D 148 10.76 8.88 10.33
CA LEU D 148 9.39 9.25 10.67
C LEU D 148 8.55 8.00 10.90
N MET D 149 7.75 8.02 11.96
CA MET D 149 6.92 6.87 12.32
C MET D 149 5.90 6.59 11.23
N GLY D 150 5.78 5.33 10.85
CA GLY D 150 4.86 4.95 9.81
C GLY D 150 5.34 5.38 8.44
N LYS D 151 4.51 5.11 7.45
CA LYS D 151 4.80 5.50 6.08
C LYS D 151 4.58 7.00 5.90
N ILE D 152 5.11 7.53 4.80
CA ILE D 152 4.96 8.95 4.50
C ILE D 152 3.81 9.12 3.53
N ASN D 153 2.93 10.08 3.83
CA ASN D 153 1.81 10.42 2.98
C ASN D 153 2.21 11.52 2.01
N PHE D 154 2.05 11.26 0.71
CA PHE D 154 2.25 12.25 -0.32
C PHE D 154 1.12 12.16 -1.33
N TRP D 155 0.76 13.31 -1.90
CA TRP D 155 -0.31 13.39 -2.87
C TRP D 155 -0.07 14.57 -3.80
N GLN D 156 -0.79 14.59 -4.91
CA GLN D 156 -0.73 15.72 -5.83
C GLN D 156 -1.22 16.97 -5.14
N GLN D 157 -0.46 18.05 -5.29
CA GLN D 157 -0.72 19.26 -4.50
C GLN D 157 -2.05 19.87 -4.87
N GLY D 158 -2.87 20.16 -3.85
CA GLY D 158 -4.16 20.77 -4.04
C GLY D 158 -5.24 19.85 -4.54
N THR D 159 -4.95 18.57 -4.72
CA THR D 159 -5.92 17.62 -5.24
C THR D 159 -5.91 16.35 -4.40
N THR D 160 -6.96 15.56 -4.59
CA THR D 160 -7.21 14.39 -3.76
C THR D 160 -6.42 13.17 -4.23
N LYS D 161 -5.98 13.14 -5.47
CA LYS D 161 -5.18 12.03 -5.97
C LYS D 161 -3.93 11.83 -5.11
N ALA D 162 -3.66 10.58 -4.78
CA ALA D 162 -2.67 10.21 -3.75
C ALA D 162 -1.70 9.24 -4.23
N GLY D 163 -0.50 9.32 -3.68
CA GLY D 163 0.54 8.38 -4.02
C GLY D 163 0.82 7.42 -2.87
N TYR D 164 1.44 6.29 -3.21
CA TYR D 164 1.81 5.30 -2.23
C TYR D 164 3.30 4.98 -2.37
N THR D 165 3.91 4.61 -1.25
CA THR D 165 5.34 4.36 -1.22
C THR D 165 5.66 2.96 -1.73
N TYR D 166 6.95 2.65 -1.83
CA TYR D 166 7.36 1.36 -2.37
C TYR D 166 6.97 0.21 -1.44
N ASN D 167 7.20 0.37 -0.15
CA ASN D 167 6.80 -0.63 0.83
C ASN D 167 5.38 -0.36 1.33
N TYR D 168 4.47 -0.20 0.38
CA TYR D 168 3.08 0.11 0.70
C TYR D 168 2.38 -1.07 1.37
N ASN D 169 2.87 -2.29 1.13
CA ASN D 169 2.19 -3.51 1.52
C ASN D 169 2.74 -4.11 2.80
N THR D 170 3.74 -3.48 3.41
CA THR D 170 4.47 -4.03 4.54
C THR D 170 4.35 -3.08 5.73
N THR D 171 4.98 -3.47 6.85
CA THR D 171 4.83 -2.75 8.11
C THR D 171 5.97 -1.80 8.41
N ASP D 172 7.01 -1.77 7.58
CA ASP D 172 8.15 -0.91 7.86
C ASP D 172 7.85 0.54 7.51
N SER D 173 8.44 1.46 8.27
CA SER D 173 8.17 2.87 8.09
C SER D 173 9.10 3.45 7.03
N ASP D 174 9.02 4.78 6.86
CA ASP D 174 9.77 5.50 5.86
C ASP D 174 10.52 6.64 6.51
N SER D 175 11.34 7.31 5.71
CA SER D 175 12.12 8.46 6.19
C SER D 175 12.31 9.43 5.03
N LEU D 176 12.56 10.68 5.38
CA LEU D 176 12.83 11.73 4.40
C LEU D 176 14.32 11.76 4.13
N TRP D 177 14.70 11.63 2.85
CA TRP D 177 16.10 11.67 2.46
C TRP D 177 16.42 13.00 1.78
N VAL D 178 17.53 13.61 2.17
CA VAL D 178 18.00 14.83 1.54
C VAL D 178 19.43 14.61 1.06
N TRP D 179 19.66 14.85 -0.23
CA TRP D 179 21.02 15.01 -0.74
C TRP D 179 21.37 16.48 -0.65
N TRP D 180 22.53 16.79 -0.08
CA TRP D 180 22.96 18.16 0.10
C TRP D 180 24.38 18.31 -0.41
N ASP D 181 24.59 19.31 -1.26
CA ASP D 181 25.93 19.81 -1.52
C ASP D 181 26.20 20.94 -0.54
N GLY D 182 27.40 20.94 0.02
CA GLY D 182 27.76 22.04 0.88
C GLY D 182 27.61 23.34 0.14
N GLY D 183 26.56 24.08 0.45
CA GLY D 183 26.11 25.21 -0.34
C GLY D 183 24.61 25.15 -0.50
N SER D 184 24.10 25.87 -1.49
CA SER D 184 22.66 26.03 -1.67
C SER D 184 22.14 25.08 -2.75
N LYS D 185 22.28 23.79 -2.51
CA LYS D 185 21.80 22.77 -3.44
C LYS D 185 21.42 21.54 -2.64
N ALA D 186 20.11 21.27 -2.56
CA ALA D 186 19.62 20.12 -1.82
C ALA D 186 18.47 19.48 -2.57
N TYR D 187 18.43 18.16 -2.59
CA TYR D 187 17.35 17.40 -3.22
C TYR D 187 16.66 16.55 -2.16
N LEU D 188 15.33 16.61 -2.12
CA LEU D 188 14.54 15.89 -1.14
C LEU D 188 13.85 14.72 -1.81
N TYR D 189 14.01 13.53 -1.24
CA TYR D 189 13.62 12.27 -1.85
C TYR D 189 12.51 11.61 -1.06
N ILE D 190 11.47 11.14 -1.76
CA ILE D 190 10.31 10.52 -1.15
C ILE D 190 10.07 9.17 -1.81
N SER D 191 9.89 8.13 -1.00
CA SER D 191 9.69 6.80 -1.52
C SER D 191 8.41 6.71 -2.34
N THR D 192 8.51 6.04 -3.49
CA THR D 192 7.36 5.79 -4.35
C THR D 192 7.52 4.40 -4.95
N TYR D 193 6.40 3.81 -5.33
CA TYR D 193 6.41 2.47 -5.89
C TYR D 193 6.50 2.48 -7.41
N THR D 194 5.80 3.41 -8.06
CA THR D 194 5.82 3.53 -9.52
C THR D 194 5.39 4.95 -9.85
N THR D 195 5.15 5.20 -11.13
CA THR D 195 4.72 6.52 -11.61
C THR D 195 3.23 6.71 -11.46
N MET D 196 2.70 6.52 -10.25
CA MET D 196 1.26 6.63 -10.05
C MET D 196 0.80 8.08 -10.12
N LEU D 197 1.68 9.05 -9.87
CA LEU D 197 1.37 10.44 -10.08
C LEU D 197 1.94 10.97 -11.38
N GLY D 198 2.47 10.11 -12.23
CA GLY D 198 3.02 10.48 -13.52
C GLY D 198 4.54 10.45 -13.51
N ALA D 199 5.11 10.80 -14.65
CA ALA D 199 6.55 10.92 -14.78
C ALA D 199 7.10 12.20 -14.17
N GLY D 200 6.32 13.28 -14.22
CA GLY D 200 6.78 14.55 -13.71
C GLY D 200 7.23 15.48 -14.81
N PRO D 201 7.41 16.76 -14.49
CA PRO D 201 7.27 17.41 -13.19
C PRO D 201 5.83 17.48 -12.68
N VAL D 202 5.67 17.30 -11.38
CA VAL D 202 4.36 17.30 -10.74
C VAL D 202 4.50 17.85 -9.34
N ASN D 203 3.57 18.72 -8.95
CA ASN D 203 3.59 19.29 -7.62
C ASN D 203 3.07 18.27 -6.62
N ILE D 204 3.86 17.97 -5.60
CA ILE D 204 3.56 16.94 -4.62
C ILE D 204 3.69 17.54 -3.23
N THR D 205 2.71 17.30 -2.38
CA THR D 205 2.76 17.65 -0.97
C THR D 205 2.82 16.38 -0.14
N GLY D 206 3.68 16.36 0.87
CA GLY D 206 3.84 15.20 1.71
C GLY D 206 3.65 15.55 3.17
N LEU D 207 3.43 14.50 3.97
CA LEU D 207 3.19 14.63 5.40
C LEU D 207 3.71 13.40 6.12
N GLY D 208 4.38 13.62 7.24
CA GLY D 208 4.90 12.54 8.07
C GLY D 208 5.06 13.01 9.49
N ALA D 209 5.29 12.05 10.38
CA ALA D 209 5.48 12.31 11.80
C ALA D 209 6.86 11.82 12.21
N VAL D 210 7.69 12.73 12.71
CA VAL D 210 9.09 12.43 12.96
C VAL D 210 9.23 11.30 13.95
N GLY D 211 10.04 10.30 13.58
CA GLY D 211 10.10 9.07 14.32
C GLY D 211 11.35 8.91 15.16
N PRO D 212 11.67 7.66 15.51
CA PRO D 212 12.77 7.40 16.46
C PRO D 212 14.12 7.71 15.86
N ASN D 213 15.04 8.04 16.73
CA ASN D 213 16.40 8.33 16.31
C ASN D 213 17.11 7.03 15.97
N PRO D 214 17.55 6.84 14.74
CA PRO D 214 18.08 5.53 14.33
C PRO D 214 19.35 5.15 15.05
N VAL D 215 19.58 3.87 15.20
CA VAL D 215 20.79 3.35 15.82
C VAL D 215 21.68 2.69 14.77
N GLN E 1 -1.04 -2.18 -38.26
CA GLN E 1 -1.90 -2.66 -37.19
C GLN E 1 -1.47 -2.07 -35.85
N SER E 2 -1.62 -0.76 -35.71
CA SER E 2 -1.27 -0.09 -34.46
C SER E 2 -2.30 -0.41 -33.39
N VAL E 3 -1.83 -0.60 -32.16
CA VAL E 3 -2.74 -0.90 -31.06
C VAL E 3 -3.57 0.31 -30.70
N LEU E 4 -2.94 1.49 -30.63
CA LEU E 4 -3.64 2.72 -30.30
C LEU E 4 -4.17 3.32 -31.59
N THR E 5 -5.41 3.00 -31.94
CA THR E 5 -5.97 3.45 -33.19
C THR E 5 -6.30 4.95 -33.14
N GLN E 6 -5.91 5.66 -34.18
CA GLN E 6 -6.13 7.08 -34.38
C GLN E 6 -6.81 7.31 -35.71
N PRO E 7 -7.52 8.42 -35.87
CA PRO E 7 -8.00 8.79 -37.19
C PRO E 7 -6.83 9.06 -38.12
N PRO E 8 -6.88 8.56 -39.36
CA PRO E 8 -5.76 8.84 -40.28
C PRO E 8 -5.54 10.32 -40.54
N SER E 9 -6.60 11.11 -40.62
CA SER E 9 -6.44 12.53 -40.90
C SER E 9 -7.66 13.28 -40.42
N VAL E 10 -7.44 14.54 -40.04
CA VAL E 10 -8.52 15.44 -39.62
C VAL E 10 -8.25 16.80 -40.25
N SER E 11 -9.30 17.61 -40.31
CA SER E 11 -9.17 18.93 -40.92
C SER E 11 -10.11 19.91 -40.24
N ALA E 12 -9.79 21.18 -40.35
CA ALA E 12 -10.65 22.25 -39.87
C ALA E 12 -10.25 23.53 -40.59
N ALA E 13 -11.18 24.48 -40.60
CA ALA E 13 -10.92 25.75 -41.25
C ALA E 13 -9.88 26.52 -40.44
N PRO E 14 -9.17 27.47 -41.07
CA PRO E 14 -8.23 28.30 -40.32
C PRO E 14 -8.91 28.98 -39.15
N GLY E 15 -8.35 28.80 -37.97
CA GLY E 15 -8.93 29.35 -36.76
C GLY E 15 -9.99 28.49 -36.11
N GLN E 16 -10.38 27.38 -36.72
CA GLN E 16 -11.36 26.48 -36.13
C GLN E 16 -10.67 25.54 -35.14
N LYS E 17 -11.44 24.63 -34.55
CA LYS E 17 -10.95 23.67 -33.58
C LYS E 17 -10.98 22.28 -34.17
N VAL E 18 -9.98 21.47 -33.81
CA VAL E 18 -9.91 20.09 -34.24
C VAL E 18 -9.66 19.23 -33.01
N THR E 19 -10.09 17.97 -33.08
CA THR E 19 -9.93 17.02 -31.99
C THR E 19 -9.35 15.74 -32.55
N ILE E 20 -8.34 15.20 -31.88
CA ILE E 20 -7.68 13.97 -32.30
C ILE E 20 -8.01 12.89 -31.28
N SER E 21 -8.51 11.76 -31.74
CA SER E 21 -8.86 10.65 -30.88
C SER E 21 -7.73 9.62 -30.85
N CYS E 22 -7.71 8.84 -29.77
CA CYS E 22 -6.69 7.81 -29.58
C CYS E 22 -7.29 6.73 -28.70
N SER E 23 -7.78 5.67 -29.31
CA SER E 23 -8.50 4.63 -28.58
C SER E 23 -7.53 3.64 -27.96
N GLY E 24 -7.89 3.14 -26.77
CA GLY E 24 -7.11 2.16 -26.07
C GLY E 24 -7.73 0.77 -26.13
N HIS E 25 -7.18 -0.13 -25.31
CA HIS E 25 -7.72 -1.47 -25.18
C HIS E 25 -7.69 -1.95 -23.73
N SER E 26 -7.85 -1.01 -22.77
CA SER E 26 -8.03 -1.31 -21.36
C SER E 26 -6.75 -1.79 -20.69
N SER E 27 -5.72 -2.05 -21.50
CA SER E 27 -4.39 -2.33 -21.00
C SER E 27 -3.40 -1.21 -21.30
N ASN E 28 -3.76 -0.33 -22.24
CA ASN E 28 -2.89 0.74 -22.67
C ASN E 28 -3.19 2.04 -21.95
N ILE E 29 -4.39 2.56 -22.14
CA ILE E 29 -4.71 3.93 -21.76
C ILE E 29 -5.53 3.89 -20.47
N ALA E 30 -6.24 2.78 -20.25
CA ALA E 30 -7.08 2.67 -19.08
C ALA E 30 -6.29 2.88 -17.79
N ASN E 31 -5.05 2.40 -17.74
CA ASN E 31 -4.26 2.44 -16.52
C ASN E 31 -3.04 3.33 -16.59
N ASN E 32 -2.42 3.46 -17.76
CA ASN E 32 -1.14 4.14 -17.92
C ASN E 32 -1.35 5.56 -18.43
N TYR E 33 -0.34 6.40 -18.22
CA TYR E 33 -0.35 7.76 -18.71
C TYR E 33 -0.08 7.80 -20.20
N VAL E 34 -0.56 8.86 -20.86
CA VAL E 34 -0.45 9.00 -22.30
C VAL E 34 0.31 10.27 -22.62
N ALA E 35 1.20 10.18 -23.61
CA ALA E 35 1.98 11.30 -24.10
C ALA E 35 1.66 11.57 -25.56
N TRP E 36 1.81 12.83 -25.96
CA TRP E 36 1.48 13.29 -27.31
C TRP E 36 2.72 13.88 -27.98
N TYR E 37 2.92 13.54 -29.25
CA TYR E 37 4.02 14.02 -30.05
C TYR E 37 3.49 14.53 -31.39
N GLN E 38 4.16 15.52 -31.95
CA GLN E 38 3.87 15.97 -33.30
C GLN E 38 5.14 15.95 -34.13
N GLN E 39 5.02 15.46 -35.36
CA GLN E 39 6.15 15.31 -36.28
C GLN E 39 5.84 16.08 -37.55
N LEU E 40 6.58 17.17 -37.78
CA LEU E 40 6.49 17.89 -39.03
C LEU E 40 7.15 17.07 -40.14
N PRO E 41 6.78 17.32 -41.40
CA PRO E 41 7.30 16.48 -42.49
C PRO E 41 8.81 16.51 -42.58
N GLY E 42 9.42 15.33 -42.57
CA GLY E 42 10.86 15.20 -42.67
C GLY E 42 11.65 15.78 -41.51
N THR E 43 11.19 15.55 -40.28
CA THR E 43 11.86 16.09 -39.11
C THR E 43 11.61 15.16 -37.93
N ALA E 44 12.26 15.49 -36.79
CA ALA E 44 12.15 14.72 -35.57
C ALA E 44 10.80 14.94 -34.89
N PRO E 45 10.32 13.95 -34.14
CA PRO E 45 9.13 14.16 -33.31
C PRO E 45 9.39 15.16 -32.20
N LYS E 46 8.33 15.83 -31.78
CA LYS E 46 8.40 16.86 -30.75
C LYS E 46 7.40 16.56 -29.64
N LEU E 47 7.80 16.84 -28.40
CA LEU E 47 6.90 16.63 -27.28
C LEU E 47 5.83 17.71 -27.22
N LEU E 48 4.58 17.29 -27.10
CA LEU E 48 3.43 18.17 -27.00
C LEU E 48 2.75 18.08 -25.65
N ILE E 49 2.35 16.86 -25.26
CA ILE E 49 1.57 16.62 -24.05
C ILE E 49 2.18 15.41 -23.34
N TYR E 50 2.34 15.52 -22.03
CA TYR E 50 2.77 14.42 -21.19
C TYR E 50 1.85 14.31 -19.99
N ASP E 51 1.77 13.10 -19.43
CA ASP E 51 0.97 12.82 -18.24
C ASP E 51 -0.51 13.16 -18.46
N ASN E 52 -0.98 12.96 -19.69
CA ASN E 52 -2.37 13.04 -20.13
C ASN E 52 -2.94 14.45 -20.21
N ASP E 53 -2.30 15.41 -19.59
CA ASP E 53 -2.78 16.78 -19.75
C ASP E 53 -1.70 17.85 -19.67
N LYS E 54 -0.43 17.51 -19.50
CA LYS E 54 0.58 18.49 -19.13
C LYS E 54 1.37 18.93 -20.35
N ARG E 55 1.66 20.23 -20.41
CA ARG E 55 2.37 20.81 -21.53
C ARG E 55 3.80 21.12 -21.13
N PRO E 56 4.80 20.75 -21.93
CA PRO E 56 6.14 21.32 -21.76
C PRO E 56 6.12 22.82 -21.98
N SER E 57 7.21 23.47 -21.58
CA SER E 57 7.25 24.92 -21.45
C SER E 57 7.13 25.67 -22.77
N GLY E 58 7.33 24.99 -23.89
CA GLY E 58 7.32 25.69 -25.17
C GLY E 58 6.05 25.57 -25.98
N ILE E 59 5.10 24.77 -25.50
CA ILE E 59 3.87 24.49 -26.21
C ILE E 59 2.81 25.49 -25.76
N PRO E 60 2.16 26.22 -26.70
CA PRO E 60 1.18 27.22 -26.28
C PRO E 60 -0.11 26.60 -25.79
N ASP E 61 -1.04 27.44 -25.32
CA ASP E 61 -2.24 26.96 -24.65
C ASP E 61 -3.28 26.39 -25.61
N ARG E 62 -3.07 26.53 -26.92
CA ARG E 62 -4.03 25.99 -27.88
C ARG E 62 -4.16 24.48 -27.72
N PHE E 63 -3.06 23.81 -27.41
CA PHE E 63 -3.05 22.37 -27.28
C PHE E 63 -3.46 21.98 -25.87
N SER E 64 -4.50 21.17 -25.75
CA SER E 64 -4.90 20.57 -24.49
C SER E 64 -5.31 19.13 -24.75
N ALA E 65 -5.24 18.34 -23.75
CA ALA E 65 -5.60 16.92 -23.89
C ALA E 65 -6.07 16.34 -22.59
N SER E 66 -6.78 15.26 -22.65
CA SER E 66 -7.29 14.56 -21.49
C SER E 66 -7.57 13.13 -21.89
N LYS E 67 -7.63 12.26 -20.88
CA LYS E 67 -7.86 10.84 -21.11
C LYS E 67 -9.03 10.41 -20.24
N SER E 68 -9.99 9.71 -20.86
CA SER E 68 -11.20 9.28 -20.17
C SER E 68 -11.49 7.84 -20.54
N GLY E 69 -11.53 6.97 -19.55
CA GLY E 69 -11.83 5.57 -19.82
C GLY E 69 -10.73 4.93 -20.63
N THR E 70 -11.11 4.40 -21.78
CA THR E 70 -10.19 3.68 -22.65
C THR E 70 -9.54 4.58 -23.70
N SER E 71 -10.17 5.69 -24.06
CA SER E 71 -9.65 6.56 -25.10
C SER E 71 -9.03 7.81 -24.52
N ALA E 72 -8.10 8.39 -25.27
CA ALA E 72 -7.51 9.69 -24.96
C ALA E 72 -7.76 10.62 -26.12
N THR E 73 -7.85 11.92 -25.82
CA THR E 73 -8.25 12.92 -26.81
C THR E 73 -7.28 14.08 -26.83
N LEU E 74 -6.83 14.46 -28.01
CA LEU E 74 -6.02 15.65 -28.23
C LEU E 74 -6.85 16.69 -28.98
N GLY E 75 -6.71 17.95 -28.61
CA GLY E 75 -7.42 19.01 -29.29
C GLY E 75 -6.56 20.25 -29.43
N ILE E 76 -6.84 21.02 -30.49
CA ILE E 76 -6.19 22.30 -30.75
C ILE E 76 -7.26 23.36 -30.94
N THR E 77 -7.28 24.37 -30.08
CA THR E 77 -8.21 25.49 -30.18
C THR E 77 -7.50 26.69 -30.82
N GLY E 78 -7.81 26.94 -32.09
CA GLY E 78 -7.06 27.90 -32.88
C GLY E 78 -6.10 27.16 -33.79
N LEU E 79 -6.49 26.95 -35.04
CA LEU E 79 -5.73 26.08 -35.95
C LEU E 79 -4.99 26.97 -36.95
N GLN E 80 -3.77 27.34 -36.60
CA GLN E 80 -2.91 28.06 -37.51
C GLN E 80 -2.44 27.14 -38.63
N THR E 81 -2.04 27.75 -39.75
CA THR E 81 -1.55 26.96 -40.88
C THR E 81 -0.26 26.24 -40.56
N GLY E 82 0.48 26.70 -39.56
CA GLY E 82 1.75 26.09 -39.19
C GLY E 82 1.58 24.87 -38.31
N ASP E 83 0.44 24.19 -38.42
CA ASP E 83 0.18 22.96 -37.69
C ASP E 83 0.01 21.77 -38.63
N GLU E 84 0.52 21.86 -39.84
CA GLU E 84 0.45 20.76 -40.79
C GLU E 84 1.49 19.72 -40.37
N ALA E 85 1.07 18.81 -39.49
CA ALA E 85 1.98 17.83 -38.94
C ALA E 85 1.21 16.60 -38.55
N HIS E 86 1.93 15.50 -38.38
CA HIS E 86 1.36 14.27 -37.83
C HIS E 86 1.44 14.30 -36.32
N TYR E 87 0.47 13.68 -35.67
CA TYR E 87 0.35 13.68 -34.23
C TYR E 87 0.21 12.24 -33.75
N TYR E 88 0.93 11.91 -32.69
CA TYR E 88 0.97 10.55 -32.17
C TYR E 88 0.67 10.55 -30.68
N CYS E 89 0.02 9.48 -30.23
CA CYS E 89 -0.22 9.22 -28.83
C CYS E 89 0.57 7.98 -28.41
N GLU E 90 1.19 8.05 -27.23
CA GLU E 90 2.03 6.97 -26.73
C GLU E 90 1.67 6.62 -25.31
N THR E 91 1.66 5.33 -25.02
CA THR E 91 1.46 4.82 -23.67
C THR E 91 2.04 3.42 -23.60
N TRP E 92 2.09 2.88 -22.39
CA TRP E 92 2.60 1.53 -22.16
C TRP E 92 1.47 0.52 -22.29
N ASP E 93 1.82 -0.67 -22.76
CA ASP E 93 0.89 -1.79 -22.80
C ASP E 93 1.45 -2.95 -22.01
N SER E 94 0.61 -3.58 -21.19
CA SER E 94 1.05 -4.66 -20.32
C SER E 94 0.91 -6.02 -20.96
N SER E 95 -0.11 -6.24 -21.79
CA SER E 95 -0.25 -7.52 -22.47
C SER E 95 0.95 -7.80 -23.34
N LEU E 96 1.19 -6.96 -24.33
CA LEU E 96 2.44 -6.91 -25.06
C LEU E 96 3.26 -5.81 -24.41
N SER E 97 4.33 -6.19 -23.71
CA SER E 97 5.04 -5.27 -22.86
C SER E 97 5.85 -4.28 -23.70
N LEU E 98 5.21 -3.23 -24.19
CA LEU E 98 5.84 -2.28 -25.09
C LEU E 98 5.37 -0.88 -24.78
N TRP E 99 6.15 0.10 -25.26
CA TRP E 99 5.73 1.49 -25.31
C TRP E 99 5.10 1.73 -26.68
N VAL E 100 3.83 1.35 -26.78
CA VAL E 100 3.14 1.38 -28.06
C VAL E 100 2.82 2.82 -28.46
N PHE E 101 2.95 3.11 -29.75
CA PHE E 101 2.61 4.41 -30.31
C PHE E 101 1.25 4.35 -30.99
N GLY E 102 0.61 5.51 -31.10
CA GLY E 102 -0.56 5.64 -31.93
C GLY E 102 -0.19 5.63 -33.39
N GLY E 103 -1.20 5.41 -34.23
CA GLY E 103 -0.95 5.25 -35.66
C GLY E 103 -0.61 6.52 -36.40
N GLY E 104 -0.85 7.67 -35.81
CA GLY E 104 -0.57 8.91 -36.48
C GLY E 104 -1.82 9.54 -37.06
N THR E 105 -1.87 10.87 -37.00
CA THR E 105 -3.00 11.62 -37.53
C THR E 105 -2.47 12.85 -38.22
N MET E 106 -2.81 13.01 -39.50
CA MET E 106 -2.35 14.15 -40.31
C MET E 106 -3.44 15.21 -40.33
N VAL E 107 -3.20 16.33 -39.66
CA VAL E 107 -4.14 17.43 -39.65
C VAL E 107 -3.78 18.40 -40.76
N THR E 108 -4.76 18.75 -41.60
CA THR E 108 -4.57 19.65 -42.72
C THR E 108 -5.55 20.81 -42.60
N VAL E 109 -5.06 22.03 -42.88
CA VAL E 109 -5.89 23.23 -42.82
C VAL E 109 -6.53 23.37 -44.19
N LEU E 110 -7.70 22.75 -44.35
CA LEU E 110 -8.45 22.82 -45.60
C LEU E 110 -9.89 22.37 -45.40
N GLN F 1 22.86 24.23 -25.45
CA GLN F 1 22.39 23.59 -24.22
C GLN F 1 22.20 22.10 -24.44
N VAL F 2 20.96 21.63 -24.25
CA VAL F 2 20.66 20.22 -24.45
C VAL F 2 20.67 19.91 -25.93
N GLN F 3 21.41 18.86 -26.30
CA GLN F 3 21.45 18.43 -27.69
C GLN F 3 21.69 16.94 -27.75
N ILE F 4 21.27 16.34 -28.85
CA ILE F 4 21.57 14.96 -29.17
C ILE F 4 21.99 14.90 -30.62
N VAL F 5 23.16 14.31 -30.88
CA VAL F 5 23.71 14.19 -32.22
C VAL F 5 23.89 12.72 -32.54
N GLN F 6 23.41 12.30 -33.70
CA GLN F 6 23.53 10.92 -34.13
C GLN F 6 24.56 10.79 -35.24
N SER F 7 24.98 9.56 -35.48
CA SER F 7 25.94 9.27 -36.52
C SER F 7 25.31 9.51 -37.89
N GLY F 8 26.11 9.35 -38.94
CA GLY F 8 25.65 9.60 -40.29
C GLY F 8 24.84 8.45 -40.86
N ALA F 9 24.31 8.69 -42.06
CA ALA F 9 23.47 7.70 -42.72
C ALA F 9 24.30 6.49 -43.15
N GLU F 10 23.65 5.33 -43.13
CA GLU F 10 24.32 4.06 -43.39
C GLU F 10 23.55 3.27 -44.44
N VAL F 11 24.29 2.65 -45.35
CA VAL F 11 23.73 1.78 -46.38
C VAL F 11 24.34 0.40 -46.20
N LYS F 12 23.50 -0.62 -46.08
CA LYS F 12 24.00 -1.96 -45.79
C LYS F 12 23.40 -3.00 -46.74
N LYS F 13 23.65 -4.27 -46.45
CA LYS F 13 23.23 -5.38 -47.28
C LYS F 13 22.41 -6.36 -46.48
N PRO F 14 21.62 -7.23 -47.14
CA PRO F 14 20.90 -8.27 -46.39
C PRO F 14 21.84 -9.11 -45.55
N GLY F 15 21.73 -8.95 -44.24
CA GLY F 15 22.62 -9.61 -43.31
C GLY F 15 23.78 -8.68 -43.02
N ALA F 16 23.76 -8.03 -41.87
CA ALA F 16 24.74 -7.02 -41.55
C ALA F 16 24.61 -6.70 -40.07
N SER F 17 25.41 -5.75 -39.60
CA SER F 17 25.40 -5.32 -38.20
C SER F 17 25.61 -3.81 -38.19
N VAL F 18 24.51 -3.08 -38.20
CA VAL F 18 24.58 -1.64 -38.09
C VAL F 18 24.79 -1.25 -36.64
N LYS F 19 25.58 -0.21 -36.41
CA LYS F 19 25.75 0.37 -35.09
C LYS F 19 25.59 1.88 -35.22
N VAL F 20 24.57 2.42 -34.59
CA VAL F 20 24.27 3.85 -34.65
C VAL F 20 24.51 4.44 -33.28
N SER F 21 25.21 5.58 -33.24
CA SER F 21 25.61 6.21 -32.00
C SER F 21 24.85 7.50 -31.79
N CYS F 22 24.51 7.78 -30.55
CA CYS F 22 23.78 8.99 -30.17
C CYS F 22 24.50 9.62 -28.99
N THR F 23 25.06 10.81 -29.21
CA THR F 23 25.80 11.53 -28.19
C THR F 23 24.98 12.71 -27.69
N ALA F 24 24.90 12.86 -26.38
CA ALA F 24 24.06 13.87 -25.75
C ALA F 24 24.91 14.79 -24.89
N SER F 25 24.60 16.08 -24.92
CA SER F 25 25.38 17.07 -24.21
C SER F 25 24.45 18.12 -23.63
N GLY F 26 24.93 18.82 -22.62
CA GLY F 26 24.19 19.88 -21.97
C GLY F 26 23.48 19.49 -20.69
N TYR F 27 23.66 18.26 -20.21
CA TYR F 27 22.95 17.79 -19.03
C TYR F 27 23.69 16.59 -18.47
N THR F 28 23.30 16.19 -17.26
CA THR F 28 23.87 15.01 -16.61
C THR F 28 23.44 13.76 -17.35
N PHE F 29 24.42 13.02 -17.88
CA PHE F 29 24.10 11.86 -18.70
C PHE F 29 23.33 10.81 -17.93
N THR F 30 23.72 10.54 -16.68
CA THR F 30 23.09 9.49 -15.91
C THR F 30 21.79 9.93 -15.24
N ARG F 31 21.46 11.22 -15.28
CA ARG F 31 20.23 11.68 -14.64
C ARG F 31 18.99 11.15 -15.35
N TYR F 32 19.06 11.04 -16.68
CA TYR F 32 17.93 10.57 -17.48
C TYR F 32 18.30 9.28 -18.19
N GLY F 33 17.29 8.66 -18.82
CA GLY F 33 17.48 7.51 -19.66
C GLY F 33 17.40 7.88 -21.14
N LEU F 34 17.62 6.89 -21.97
CA LEU F 34 17.62 7.09 -23.42
C LEU F 34 16.81 6.01 -24.10
N VAL F 35 16.11 6.39 -25.16
CA VAL F 35 15.19 5.52 -25.87
C VAL F 35 15.69 5.38 -27.31
N TRP F 36 15.18 4.38 -28.00
CA TRP F 36 15.52 4.17 -29.41
C TRP F 36 14.24 3.81 -30.15
N VAL F 37 13.88 4.64 -31.14
CA VAL F 37 12.65 4.48 -31.90
C VAL F 37 13.00 4.52 -33.37
N ARG F 38 12.44 3.61 -34.15
CA ARG F 38 12.62 3.58 -35.60
C ARG F 38 11.33 4.00 -36.28
N GLN F 39 11.45 4.61 -37.46
CA GLN F 39 10.29 5.03 -38.24
C GLN F 39 10.54 4.71 -39.70
N ALA F 40 9.76 3.80 -40.24
CA ALA F 40 9.90 3.40 -41.63
C ALA F 40 9.46 4.54 -42.54
N PRO F 41 9.86 4.50 -43.83
CA PRO F 41 9.50 5.59 -44.76
C PRO F 41 8.05 6.01 -44.69
N GLY F 42 7.12 5.10 -44.98
CA GLY F 42 5.74 5.34 -44.64
C GLY F 42 5.30 4.46 -43.50
N GLN F 43 5.27 5.02 -42.29
CA GLN F 43 4.91 4.29 -41.08
C GLN F 43 4.98 5.29 -39.94
N GLY F 44 4.57 4.85 -38.77
CA GLY F 44 4.63 5.64 -37.56
C GLY F 44 5.88 5.36 -36.76
N LEU F 45 5.76 5.49 -35.45
CA LEU F 45 6.87 5.35 -34.52
C LEU F 45 6.83 3.97 -33.89
N GLU F 46 7.98 3.30 -33.83
CA GLU F 46 8.11 1.96 -33.27
C GLU F 46 9.20 1.93 -32.20
N TRP F 47 8.80 1.74 -30.95
CA TRP F 47 9.75 1.69 -29.85
C TRP F 47 10.60 0.42 -29.92
N MET F 48 11.90 0.58 -29.79
CA MET F 48 12.84 -0.54 -29.90
C MET F 48 13.43 -0.97 -28.57
N GLY F 49 13.71 -0.04 -27.67
CA GLY F 49 14.25 -0.41 -26.39
C GLY F 49 14.77 0.79 -25.64
N SER F 50 14.95 0.67 -24.34
CA SER F 50 15.40 1.77 -23.51
C SER F 50 16.66 1.37 -22.75
N ILE F 51 17.46 2.37 -22.42
CA ILE F 51 18.68 2.21 -21.63
C ILE F 51 18.53 3.01 -20.34
N ASN F 52 19.16 2.52 -19.29
CA ASN F 52 19.26 3.24 -18.02
C ASN F 52 20.69 3.73 -17.90
N THR F 53 20.90 5.02 -18.14
CA THR F 53 22.24 5.56 -18.28
C THR F 53 23.05 5.49 -17.00
N GLY F 54 22.41 5.26 -15.85
CA GLY F 54 23.12 5.16 -14.59
C GLY F 54 23.63 3.77 -14.30
N ASN F 55 22.75 2.77 -14.41
CA ASN F 55 23.12 1.39 -14.11
C ASN F 55 23.00 0.45 -15.30
N ALA F 56 23.01 0.98 -16.51
CA ALA F 56 23.07 0.19 -17.76
C ALA F 56 21.93 -0.82 -17.88
N ASN F 57 20.85 -0.63 -17.13
CA ASN F 57 19.70 -1.50 -17.27
C ASN F 57 19.07 -1.33 -18.65
N THR F 58 18.61 -2.42 -19.24
CA THR F 58 18.12 -2.39 -20.61
C THR F 58 16.86 -3.23 -20.74
N ILE F 59 15.86 -2.67 -21.43
CA ILE F 59 14.68 -3.42 -21.85
C ILE F 59 14.53 -3.24 -23.36
N TYR F 60 13.94 -4.24 -23.99
CA TYR F 60 13.83 -4.25 -25.43
C TYR F 60 12.38 -4.48 -25.83
N SER F 61 12.17 -4.59 -27.14
CA SER F 61 10.89 -4.98 -27.69
C SER F 61 10.94 -6.44 -28.09
N GLU F 62 9.81 -7.12 -27.97
CA GLU F 62 9.73 -8.52 -28.34
C GLU F 62 9.48 -8.71 -29.83
N LYS F 63 9.39 -7.63 -30.61
CA LYS F 63 9.22 -7.75 -32.05
C LYS F 63 10.42 -8.45 -32.68
N PHE F 64 11.61 -8.15 -32.21
CA PHE F 64 12.83 -8.83 -32.61
C PHE F 64 13.09 -9.97 -31.64
N GLN F 65 13.34 -11.17 -32.16
CA GLN F 65 13.59 -12.30 -31.27
C GLN F 65 14.84 -12.03 -30.45
N GLY F 66 16.01 -12.06 -31.09
CA GLY F 66 17.14 -11.30 -30.59
C GLY F 66 17.90 -10.69 -31.74
N ARG F 67 17.83 -9.36 -31.88
CA ARG F 67 18.63 -8.67 -32.88
C ARG F 67 19.12 -7.31 -32.43
N VAL F 68 18.75 -6.85 -31.25
CA VAL F 68 18.97 -5.46 -30.85
C VAL F 68 19.74 -5.44 -29.54
N SER F 69 20.79 -4.64 -29.50
CA SER F 69 21.54 -4.41 -28.27
C SER F 69 21.83 -2.93 -28.14
N ILE F 70 21.42 -2.34 -27.02
CA ILE F 70 21.67 -0.95 -26.73
C ILE F 70 22.72 -0.89 -25.63
N THR F 71 23.78 -0.12 -25.86
CA THR F 71 24.89 -0.02 -24.94
C THR F 71 25.21 1.45 -24.71
N ARG F 72 25.66 1.76 -23.51
CA ARG F 72 25.99 3.13 -23.13
C ARG F 72 27.47 3.27 -22.88
N ASP F 73 27.95 4.50 -22.93
CA ASP F 73 29.32 4.83 -22.57
C ASP F 73 29.25 6.14 -21.79
N THR F 74 29.26 6.04 -20.46
CA THR F 74 29.10 7.20 -19.62
C THR F 74 30.23 8.19 -19.81
N SER F 75 31.47 7.70 -19.94
CA SER F 75 32.60 8.58 -20.13
C SER F 75 32.45 9.39 -21.41
N ALA F 76 31.99 8.75 -22.49
CA ALA F 76 31.81 9.42 -23.76
C ALA F 76 30.44 10.05 -23.92
N SER F 77 29.55 9.87 -22.94
CA SER F 77 28.22 10.48 -22.94
C SER F 77 27.45 10.13 -24.21
N THR F 78 27.58 8.90 -24.66
CA THR F 78 26.90 8.47 -25.86
C THR F 78 26.30 7.08 -25.65
N THR F 79 25.26 6.78 -26.40
CA THR F 79 24.64 5.47 -26.39
C THR F 79 24.81 4.84 -27.77
N TYR F 80 24.77 3.52 -27.81
CA TYR F 80 24.99 2.79 -29.03
C TYR F 80 23.85 1.80 -29.20
N MET F 81 23.33 1.70 -30.41
CA MET F 81 22.31 0.72 -30.74
C MET F 81 22.84 -0.18 -31.84
N GLU F 82 22.64 -1.49 -31.68
CA GLU F 82 23.14 -2.49 -32.60
C GLU F 82 21.98 -3.29 -33.15
N LEU F 83 22.00 -3.58 -34.45
CA LEU F 83 21.02 -4.43 -35.08
C LEU F 83 21.74 -5.52 -35.86
N ARG F 84 21.12 -6.69 -35.96
CA ARG F 84 21.76 -7.87 -36.50
C ARG F 84 20.84 -8.57 -37.48
N SER F 85 21.44 -9.29 -38.42
CA SER F 85 20.72 -10.06 -39.44
C SER F 85 19.66 -9.20 -40.12
N LEU F 86 20.14 -8.14 -40.77
CA LEU F 86 19.24 -7.15 -41.34
C LEU F 86 18.55 -7.69 -42.59
N ARG F 87 17.29 -7.30 -42.76
CA ARG F 87 16.56 -7.57 -44.00
C ARG F 87 15.99 -6.27 -44.54
N TYR F 88 15.25 -6.33 -45.64
CA TYR F 88 14.74 -5.09 -46.21
C TYR F 88 13.52 -4.60 -45.43
N GLU F 89 13.66 -4.54 -44.11
CA GLU F 89 12.65 -3.96 -43.25
C GLU F 89 13.22 -3.09 -42.16
N ASP F 90 14.52 -3.20 -41.86
CA ASP F 90 15.19 -2.30 -40.94
C ASP F 90 15.48 -0.96 -41.58
N THR F 91 15.02 -0.74 -42.81
CA THR F 91 15.17 0.53 -43.51
C THR F 91 14.29 1.55 -42.83
N ALA F 92 14.88 2.36 -41.96
CA ALA F 92 14.11 3.34 -41.21
C ALA F 92 15.05 4.43 -40.74
N VAL F 93 14.46 5.54 -40.30
CA VAL F 93 15.21 6.58 -39.61
C VAL F 93 15.17 6.24 -38.13
N TYR F 94 16.33 6.10 -37.53
CA TYR F 94 16.45 5.62 -36.16
C TYR F 94 16.68 6.80 -35.24
N PHE F 95 15.80 6.97 -34.27
CA PHE F 95 15.77 8.12 -33.40
C PHE F 95 16.28 7.77 -32.01
N CYS F 96 17.10 8.63 -31.45
CA CYS F 96 17.52 8.53 -30.06
C CYS F 96 16.98 9.74 -29.33
N ALA F 97 16.33 9.50 -28.19
CA ALA F 97 15.71 10.59 -27.45
C ALA F 97 15.97 10.41 -25.96
N ARG F 98 15.85 11.50 -25.23
CA ARG F 98 16.02 11.48 -23.79
C ARG F 98 14.71 11.08 -23.11
N GLU F 99 14.82 10.21 -22.11
CA GLU F 99 13.66 9.64 -21.41
C GLU F 99 13.41 10.39 -20.10
N ARG F 100 12.14 10.66 -19.82
CA ARG F 100 11.70 11.25 -18.55
C ARG F 100 10.69 10.29 -17.94
N GLY F 101 11.04 9.69 -16.81
CA GLY F 101 10.22 8.66 -16.20
C GLY F 101 10.75 7.28 -16.54
N GLY F 102 9.86 6.34 -16.82
CA GLY F 102 10.32 5.07 -17.37
C GLY F 102 9.85 3.82 -16.68
N SER F 103 8.90 3.94 -15.76
CA SER F 103 8.38 2.77 -15.07
C SER F 103 7.61 1.87 -16.01
N VAL F 104 7.68 0.56 -15.77
CA VAL F 104 6.87 -0.41 -16.49
C VAL F 104 5.85 -1.09 -15.58
N VAL F 105 5.74 -0.65 -14.32
CA VAL F 105 4.64 -1.07 -13.46
C VAL F 105 3.37 -0.34 -13.88
N GLU F 106 2.23 -1.03 -13.78
CA GLU F 106 1.00 -0.70 -14.50
C GLU F 106 0.54 0.74 -14.40
N PRO F 107 0.81 1.47 -13.33
CA PRO F 107 0.65 2.93 -13.49
C PRO F 107 1.91 3.58 -14.06
N ALA F 108 2.16 3.31 -15.34
CA ALA F 108 3.40 3.66 -16.01
C ALA F 108 3.30 5.02 -16.70
N ALA F 109 4.38 5.79 -16.63
CA ALA F 109 4.44 7.12 -17.25
C ALA F 109 5.85 7.37 -17.72
N HIS F 110 6.00 7.90 -18.93
CA HIS F 110 7.30 8.09 -19.57
C HIS F 110 7.11 8.87 -20.85
N TYR F 111 7.98 9.85 -21.08
CA TYR F 111 7.95 10.59 -22.32
C TYR F 111 9.36 10.93 -22.77
N MET F 112 9.44 11.53 -23.96
CA MET F 112 10.70 11.88 -24.59
C MET F 112 10.66 13.36 -24.94
N ASP F 113 11.49 14.15 -24.27
CA ASP F 113 11.45 15.61 -24.42
C ASP F 113 12.55 16.16 -25.31
N VAL F 114 13.69 15.49 -25.44
CA VAL F 114 14.75 15.91 -26.34
C VAL F 114 14.99 14.77 -27.32
N TRP F 115 14.88 15.07 -28.61
CA TRP F 115 15.01 14.06 -29.64
C TRP F 115 16.27 14.28 -30.47
N GLY F 116 16.78 13.19 -31.03
CA GLY F 116 17.83 13.27 -32.02
C GLY F 116 17.24 13.37 -33.41
N ASN F 117 18.04 13.89 -34.34
CA ASN F 117 17.53 14.10 -35.68
C ASN F 117 17.44 12.82 -36.50
N GLY F 118 17.96 11.71 -35.98
CA GLY F 118 17.77 10.44 -36.61
C GLY F 118 18.91 10.06 -37.53
N THR F 119 19.04 8.76 -37.75
CA THR F 119 19.98 8.20 -38.72
C THR F 119 19.21 7.32 -39.68
N THR F 120 19.41 7.53 -40.96
CA THR F 120 18.77 6.73 -41.99
C THR F 120 19.61 5.49 -42.27
N VAL F 121 19.02 4.32 -42.08
CA VAL F 121 19.66 3.04 -42.37
C VAL F 121 18.92 2.42 -43.53
N SER F 122 19.66 1.93 -44.51
CA SER F 122 19.08 1.35 -45.72
C SER F 122 19.57 -0.07 -45.90
N VAL F 123 18.71 -0.94 -46.39
CA VAL F 123 19.03 -2.34 -46.66
C VAL F 123 18.63 -2.59 -48.11
N THR F 124 19.61 -2.57 -49.00
CA THR F 124 19.34 -2.70 -50.43
C THR F 124 20.36 -3.64 -51.04
N SER F 125 20.40 -3.68 -52.36
CA SER F 125 21.34 -4.54 -53.09
C SER F 125 21.70 -3.94 -54.44
#